data_2AY6
#
_entry.id   2AY6
#
_cell.length_a   124.010
_cell.length_b   121.780
_cell.length_c   55.130
_cell.angle_alpha   90.00
_cell.angle_beta   90.00
_cell.angle_gamma   90.00
#
_symmetry.space_group_name_H-M   'P 21 21 21'
#
loop_
_entity.id
_entity.type
_entity.pdbx_description
1 polymer 'AROMATIC AMINO ACID AMINOTRANSFERASE'
2 non-polymer "PYRIDOXAL-5'-PHOSPHATE"
3 non-polymer '3-INDOLEBUTYRIC ACID'
4 water water
#
_entity_poly.entity_id   1
_entity_poly.type   'polypeptide(L)'
_entity_poly.pdbx_seq_one_letter_code
;MLGNLKPQAPDKILALMGEFRADPRQGKIDLGVGVYKDATGHTPIMRAVHAAEQRMLETETTKTYAGLSGEPEFQKAMGE
LILGDGLKSETTATLATVGGTGALRQALELARMANPDLRVFVSDPTWPNHVSIMNFMGLPVQTYRYFDAETRGVDFEGMK
ADLAAAKKGDMVLLHGCCHNPTGANLTLDQWAEIASILEKTGALPLIDLAYQGFGDGLEEDAAGTRLIASRIPEVLIAAS
CSKNFGIYRERTGCLLALCADAATRELAQGAMAFLNRQTYSFPPFHGAKIVSTVLTTPELRADWMAELEAVRSGMLRLRE
QLAGELRDLSGSDRFGFVAEHRGMFSRLGATPEQVKRIKEEFGIYMVGDSRINIAGLNDNTIPILARAIIEVGV
;
_entity_poly.pdbx_strand_id   A,B
#
loop_
_chem_comp.id
_chem_comp.type
_chem_comp.name
_chem_comp.formula
3IB non-polymer '3-INDOLEBUTYRIC ACID' 'C12 H13 N O2'
PLP non-polymer PYRIDOXAL-5'-PHOSPHATE 'C8 H10 N O6 P'
#
# COMPACT_ATOMS: atom_id res chain seq x y z
N MET A 1 -3.92 9.63 -25.28
CA MET A 1 -3.72 10.53 -24.12
C MET A 1 -2.42 10.25 -23.38
N LEU A 2 -2.20 8.99 -23.00
CA LEU A 2 -0.99 8.60 -22.27
C LEU A 2 0.35 8.96 -22.93
N GLY A 3 0.30 9.53 -24.12
CA GLY A 3 1.53 9.91 -24.80
C GLY A 3 2.07 11.23 -24.29
N ASN A 4 1.22 11.98 -23.60
CA ASN A 4 1.59 13.29 -23.05
C ASN A 4 2.32 13.14 -21.71
N LEU A 5 2.71 11.92 -21.37
CA LEU A 5 3.40 11.65 -20.11
C LEU A 5 4.87 12.04 -20.19
N LYS A 6 5.28 12.96 -19.32
CA LYS A 6 6.69 13.36 -19.30
C LYS A 6 7.44 12.15 -18.76
N PRO A 7 8.48 11.69 -19.47
CA PRO A 7 9.25 10.54 -19.01
C PRO A 7 9.81 10.70 -17.60
N GLN A 8 9.52 9.71 -16.75
CA GLN A 8 9.98 9.71 -15.37
C GLN A 8 11.33 9.01 -15.26
N ALA A 9 12.17 9.48 -14.35
CA ALA A 9 13.49 8.90 -14.15
C ALA A 9 13.47 7.64 -13.30
N PRO A 10 14.29 6.65 -13.68
CA PRO A 10 14.40 5.36 -12.97
C PRO A 10 15.00 5.59 -11.58
N ASP A 11 14.81 4.63 -10.69
CA ASP A 11 15.31 4.71 -9.31
C ASP A 11 16.82 4.80 -9.10
N LYS A 12 17.59 4.86 -10.19
CA LYS A 12 19.06 4.92 -10.11
C LYS A 12 19.72 3.63 -9.66
N ILE A 13 19.11 2.97 -8.67
CA ILE A 13 19.61 1.70 -8.14
C ILE A 13 19.97 0.80 -9.32
N LEU A 14 19.08 0.76 -10.30
CA LEU A 14 19.28 -0.03 -11.50
C LEU A 14 20.60 0.27 -12.21
N ALA A 15 20.89 1.56 -12.41
CA ALA A 15 22.11 1.97 -13.07
C ALA A 15 23.32 1.63 -12.20
N LEU A 16 23.09 1.60 -10.88
CA LEU A 16 24.14 1.27 -9.93
C LEU A 16 24.45 -0.22 -10.03
N MET A 17 23.43 -1.06 -9.82
CA MET A 17 23.60 -2.50 -9.88
C MET A 17 23.96 -2.95 -11.29
N GLY A 18 23.51 -2.18 -12.28
CA GLY A 18 23.78 -2.50 -13.67
C GLY A 18 25.27 -2.45 -13.96
N GLU A 19 25.92 -1.38 -13.48
CA GLU A 19 27.35 -1.20 -13.68
C GLU A 19 28.13 -2.20 -12.86
N PHE A 20 27.68 -2.46 -11.64
CA PHE A 20 28.35 -3.42 -10.78
C PHE A 20 28.43 -4.80 -11.42
N ARG A 21 27.35 -5.23 -12.09
CA ARG A 21 27.32 -6.53 -12.75
C ARG A 21 28.15 -6.53 -14.03
N ALA A 22 28.25 -5.38 -14.67
CA ALA A 22 29.04 -5.25 -15.90
C ALA A 22 30.51 -5.45 -15.61
N ASP A 23 30.93 -5.14 -14.38
CA ASP A 23 32.32 -5.28 -14.01
C ASP A 23 32.81 -6.73 -14.10
N PRO A 24 33.82 -6.98 -14.94
CA PRO A 24 34.40 -8.32 -15.14
C PRO A 24 35.37 -8.72 -14.04
N ARG A 25 35.74 -7.75 -13.21
CA ARG A 25 36.68 -7.98 -12.12
C ARG A 25 36.21 -8.98 -11.07
N GLN A 26 37.10 -9.91 -10.79
CA GLN A 26 36.87 -10.98 -9.83
C GLN A 26 36.50 -10.46 -8.44
N GLY A 27 37.46 -9.81 -7.78
CA GLY A 27 37.22 -9.32 -6.44
C GLY A 27 36.58 -7.96 -6.27
N LYS A 28 35.54 -7.67 -7.05
CA LYS A 28 34.84 -6.38 -6.93
C LYS A 28 33.98 -6.43 -5.66
N ILE A 29 33.76 -5.28 -5.04
CA ILE A 29 32.95 -5.22 -3.82
C ILE A 29 31.79 -4.24 -3.97
N ASP A 30 30.69 -4.52 -3.27
CA ASP A 30 29.51 -3.65 -3.31
C ASP A 30 29.12 -3.19 -1.91
N LEU A 31 29.24 -1.89 -1.65
CA LEU A 31 28.87 -1.32 -0.36
C LEU A 31 27.69 -0.38 -0.52
N GLY A 32 27.12 -0.35 -1.72
CA GLY A 32 25.99 0.51 -2.00
C GLY A 32 24.64 -0.08 -1.66
N VAL A 33 24.60 -1.40 -1.45
CA VAL A 33 23.35 -2.08 -1.11
C VAL A 33 22.65 -1.40 0.07
N GLY A 34 21.33 -1.22 -0.05
CA GLY A 34 20.58 -0.56 1.01
C GLY A 34 19.99 -1.45 2.09
N VAL A 35 20.17 -2.75 1.98
CA VAL A 35 19.63 -3.68 2.97
C VAL A 35 20.70 -4.39 3.73
N TYR A 36 20.31 -5.02 4.84
CA TYR A 36 21.25 -5.76 5.67
C TYR A 36 21.61 -7.08 5.00
N LYS A 37 22.87 -7.46 5.13
CA LYS A 37 23.36 -8.72 4.57
C LYS A 37 24.32 -9.31 5.60
N ASP A 38 24.16 -10.60 5.87
CA ASP A 38 25.01 -11.28 6.83
C ASP A 38 26.34 -11.71 6.20
N ALA A 39 27.09 -12.53 6.92
CA ALA A 39 28.40 -13.01 6.46
C ALA A 39 28.40 -13.65 5.07
N THR A 40 27.38 -14.44 4.79
CA THR A 40 27.25 -15.14 3.52
C THR A 40 26.85 -14.26 2.33
N GLY A 41 26.56 -12.99 2.61
CA GLY A 41 26.15 -12.06 1.58
C GLY A 41 24.65 -12.20 1.31
N HIS A 42 23.92 -12.68 2.31
CA HIS A 42 22.48 -12.86 2.19
C HIS A 42 21.68 -11.97 3.13
N THR A 43 20.39 -11.81 2.83
CA THR A 43 19.45 -11.04 3.63
C THR A 43 18.46 -12.09 4.12
N PRO A 44 18.76 -12.73 5.27
CA PRO A 44 17.93 -13.77 5.87
C PRO A 44 16.60 -13.35 6.47
N ILE A 45 15.73 -14.33 6.66
CA ILE A 45 14.44 -14.10 7.27
C ILE A 45 14.78 -14.40 8.74
N MET A 46 14.32 -13.55 9.66
CA MET A 46 14.60 -13.77 11.08
C MET A 46 13.81 -14.98 11.59
N ARG A 47 14.43 -15.75 12.48
CA ARG A 47 13.83 -16.95 13.06
C ARG A 47 12.44 -16.71 13.64
N ALA A 48 12.32 -15.65 14.44
CA ALA A 48 11.04 -15.31 15.06
C ALA A 48 9.99 -15.03 14.00
N VAL A 49 10.41 -14.42 12.90
CA VAL A 49 9.51 -14.09 11.80
C VAL A 49 9.00 -15.36 11.12
N HIS A 50 9.91 -16.28 10.79
CA HIS A 50 9.54 -17.53 10.14
C HIS A 50 8.62 -18.37 11.00
N ALA A 51 8.76 -18.23 12.32
CA ALA A 51 7.94 -18.98 13.26
C ALA A 51 6.54 -18.38 13.32
N ALA A 52 6.46 -17.06 13.21
CA ALA A 52 5.19 -16.37 13.24
C ALA A 52 4.34 -16.79 12.05
N GLU A 53 4.96 -16.88 10.88
CA GLU A 53 4.24 -17.30 9.68
C GLU A 53 3.72 -18.72 9.76
N GLN A 54 4.45 -19.57 10.49
CA GLN A 54 4.02 -20.95 10.67
C GLN A 54 2.76 -20.93 11.55
N ARG A 55 2.82 -20.21 12.66
CA ARG A 55 1.68 -20.10 13.57
C ARG A 55 0.45 -19.56 12.86
N MET A 56 0.66 -18.52 12.06
CA MET A 56 -0.41 -17.88 11.31
C MET A 56 -1.01 -18.85 10.29
N LEU A 57 -0.17 -19.72 9.73
CA LEU A 57 -0.60 -20.70 8.74
C LEU A 57 -1.55 -21.73 9.35
N GLU A 58 -1.43 -21.93 10.66
CA GLU A 58 -2.26 -22.90 11.37
C GLU A 58 -3.45 -22.32 12.10
N THR A 59 -3.42 -21.02 12.39
CA THR A 59 -4.52 -20.39 13.12
C THR A 59 -5.44 -19.51 12.30
N GLU A 60 -4.92 -18.95 11.21
CA GLU A 60 -5.71 -18.08 10.35
C GLU A 60 -6.81 -18.91 9.68
N THR A 61 -8.05 -18.59 10.01
CA THR A 61 -9.22 -19.30 9.47
C THR A 61 -9.89 -18.59 8.28
N THR A 62 -9.68 -17.28 8.22
CA THR A 62 -10.28 -16.46 7.18
C THR A 62 -9.35 -15.33 6.75
N LYS A 63 -9.64 -14.73 5.61
CA LYS A 63 -8.88 -13.61 5.08
C LYS A 63 -9.83 -12.48 4.71
N THR A 64 -11.00 -12.43 5.36
CA THR A 64 -11.98 -11.38 5.12
C THR A 64 -11.36 -10.02 5.44
N TYR A 65 -12.05 -8.95 5.05
CA TYR A 65 -11.60 -7.60 5.32
C TYR A 65 -11.48 -7.40 6.84
N ALA A 66 -10.42 -6.73 7.26
CA ALA A 66 -10.18 -6.45 8.67
C ALA A 66 -10.19 -4.94 8.91
N GLY A 67 -9.45 -4.48 9.91
CA GLY A 67 -9.41 -3.06 10.24
C GLY A 67 -8.86 -2.10 9.21
N LEU A 68 -9.62 -1.04 8.94
CA LEU A 68 -9.26 -0.01 7.99
C LEU A 68 -7.98 0.73 8.38
N SER A 69 -7.74 0.83 9.69
CA SER A 69 -6.56 1.53 10.20
C SER A 69 -5.56 0.57 10.84
N GLY A 70 -5.81 -0.72 10.67
CA GLY A 70 -4.95 -1.73 11.26
C GLY A 70 -5.69 -2.52 12.32
N GLU A 71 -5.04 -3.55 12.84
CA GLU A 71 -5.64 -4.36 13.87
C GLU A 71 -5.18 -3.82 15.21
N PRO A 72 -6.08 -3.79 16.20
CA PRO A 72 -5.74 -3.29 17.53
C PRO A 72 -4.45 -3.90 18.08
N GLU A 73 -4.30 -5.22 17.95
CA GLU A 73 -3.11 -5.89 18.47
C GLU A 73 -1.83 -5.30 17.89
N PHE A 74 -1.87 -4.88 16.64
CA PHE A 74 -0.71 -4.32 15.98
C PHE A 74 -0.43 -2.90 16.45
N GLN A 75 -1.44 -2.04 16.33
CA GLN A 75 -1.30 -0.64 16.73
C GLN A 75 -0.79 -0.52 18.16
N LYS A 76 -1.43 -1.24 19.06
CA LYS A 76 -1.07 -1.24 20.47
C LYS A 76 0.38 -1.70 20.63
N ALA A 77 0.70 -2.85 20.08
CA ALA A 77 2.04 -3.42 20.16
C ALA A 77 3.12 -2.48 19.61
N MET A 78 2.82 -1.77 18.54
CA MET A 78 3.78 -0.85 17.94
C MET A 78 4.01 0.36 18.84
N GLY A 79 2.90 0.92 19.33
CA GLY A 79 2.98 2.08 20.22
C GLY A 79 3.82 1.78 21.44
N GLU A 80 3.64 0.62 22.04
CA GLU A 80 4.42 0.24 23.21
C GLU A 80 5.90 0.04 22.85
N LEU A 81 6.16 -0.50 21.67
CA LEU A 81 7.51 -0.75 21.20
C LEU A 81 8.28 0.55 21.03
N ILE A 82 7.61 1.56 20.50
CA ILE A 82 8.23 2.86 20.26
C ILE A 82 8.24 3.79 21.48
N LEU A 83 7.08 3.98 22.09
CA LEU A 83 6.93 4.88 23.25
C LEU A 83 7.05 4.24 24.62
N GLY A 84 7.02 2.92 24.68
CA GLY A 84 7.14 2.23 25.95
C GLY A 84 6.02 2.56 26.93
N ASP A 85 6.38 2.66 28.22
CA ASP A 85 5.43 2.98 29.28
C ASP A 85 4.74 4.30 29.04
N GLY A 86 5.38 5.15 28.23
CA GLY A 86 4.84 6.46 27.94
C GLY A 86 3.72 6.46 26.92
N LEU A 87 3.23 5.29 26.53
CA LEU A 87 2.17 5.26 25.55
C LEU A 87 0.89 5.78 26.17
N LYS A 88 0.56 7.02 25.84
CA LYS A 88 -0.64 7.66 26.33
C LYS A 88 -1.78 7.47 25.31
N SER A 89 -2.43 6.31 25.40
CA SER A 89 -3.52 5.92 24.51
C SER A 89 -4.59 6.96 24.23
N GLU A 90 -5.14 7.55 25.28
CA GLU A 90 -6.21 8.56 25.18
C GLU A 90 -5.94 9.64 24.12
N THR A 91 -4.67 9.99 23.95
CA THR A 91 -4.26 11.04 23.02
C THR A 91 -3.40 10.56 21.85
N THR A 92 -3.44 9.27 21.58
CA THR A 92 -2.65 8.69 20.50
C THR A 92 -3.53 8.10 19.41
N ALA A 93 -3.24 8.48 18.16
CA ALA A 93 -3.96 7.98 16.99
C ALA A 93 -2.95 7.13 16.24
N THR A 94 -3.37 5.97 15.74
CA THR A 94 -2.46 5.09 15.04
C THR A 94 -2.97 4.62 13.66
N LEU A 95 -2.04 4.45 12.72
CA LEU A 95 -2.42 4.03 11.38
C LEU A 95 -1.45 3.02 10.79
N ALA A 96 -1.95 1.82 10.48
CA ALA A 96 -1.10 0.80 9.85
C ALA A 96 -0.90 1.34 8.43
N THR A 97 0.32 1.26 7.94
CA THR A 97 0.64 1.79 6.63
C THR A 97 1.39 0.79 5.79
N VAL A 98 1.53 1.12 4.50
CA VAL A 98 2.27 0.29 3.56
C VAL A 98 3.73 0.72 3.72
N GLY A 99 4.42 0.08 4.65
CA GLY A 99 5.81 0.39 4.92
C GLY A 99 5.95 1.75 5.60
N GLY A 100 7.16 2.10 5.98
CA GLY A 100 7.39 3.38 6.60
C GLY A 100 7.14 4.49 5.60
N THR A 101 7.41 4.22 4.32
CA THR A 101 7.20 5.22 3.27
C THR A 101 5.72 5.59 3.21
N GLY A 102 4.87 4.62 3.51
CA GLY A 102 3.44 4.89 3.50
C GLY A 102 3.15 5.84 4.63
N ALA A 103 3.75 5.53 5.77
CA ALA A 103 3.61 6.34 6.98
C ALA A 103 4.02 7.78 6.72
N LEU A 104 5.13 7.97 6.01
CA LEU A 104 5.61 9.31 5.69
C LEU A 104 4.61 10.04 4.81
N ARG A 105 4.23 9.40 3.72
CA ARG A 105 3.27 9.96 2.78
C ARG A 105 1.97 10.43 3.48
N GLN A 106 1.39 9.54 4.30
CA GLN A 106 0.17 9.84 5.02
C GLN A 106 0.35 10.95 6.04
N ALA A 107 1.51 10.98 6.69
CA ALA A 107 1.79 12.01 7.69
C ALA A 107 1.79 13.37 7.00
N LEU A 108 2.36 13.43 5.80
CA LEU A 108 2.42 14.67 5.01
C LEU A 108 1.03 15.08 4.58
N GLU A 109 0.23 14.11 4.13
CA GLU A 109 -1.14 14.39 3.69
C GLU A 109 -1.99 14.90 4.86
N LEU A 110 -1.72 14.35 6.05
CA LEU A 110 -2.43 14.70 7.28
C LEU A 110 -2.15 16.14 7.69
N ALA A 111 -0.86 16.45 7.78
CA ALA A 111 -0.41 17.79 8.15
C ALA A 111 -0.92 18.84 7.16
N ARG A 112 -0.80 18.58 5.87
CA ARG A 112 -1.26 19.51 4.85
C ARG A 112 -2.77 19.74 4.97
N MET A 113 -3.51 18.73 5.44
CA MET A 113 -4.94 18.87 5.63
C MET A 113 -5.28 19.87 6.74
N ALA A 114 -4.48 19.83 7.80
CA ALA A 114 -4.67 20.73 8.94
C ALA A 114 -4.07 22.11 8.71
N ASN A 115 -3.04 22.16 7.87
CA ASN A 115 -2.36 23.41 7.55
C ASN A 115 -1.94 23.40 6.09
N PRO A 116 -2.71 24.08 5.24
CA PRO A 116 -2.42 24.16 3.80
C PRO A 116 -1.08 24.82 3.50
N ASP A 117 -0.72 25.83 4.26
CA ASP A 117 0.54 26.53 4.02
C ASP A 117 1.72 25.84 4.69
N LEU A 118 1.62 24.52 4.84
CA LEU A 118 2.66 23.74 5.47
C LEU A 118 3.99 23.85 4.72
N ARG A 119 5.08 23.90 5.47
CA ARG A 119 6.42 23.95 4.90
C ARG A 119 7.17 22.87 5.65
N VAL A 120 8.00 22.10 4.95
CA VAL A 120 8.76 21.05 5.59
C VAL A 120 10.24 21.42 5.62
N PHE A 121 10.92 21.05 6.70
CA PHE A 121 12.35 21.27 6.89
C PHE A 121 12.99 19.89 6.94
N VAL A 122 13.98 19.66 6.10
CA VAL A 122 14.65 18.36 6.07
C VAL A 122 16.13 18.57 6.36
N SER A 123 16.80 17.53 6.85
CA SER A 123 18.21 17.65 7.14
C SER A 123 19.03 17.78 5.88
N ASP A 124 20.31 18.09 6.06
CA ASP A 124 21.23 18.21 4.96
C ASP A 124 22.39 17.29 5.30
N PRO A 125 22.45 16.09 4.69
CA PRO A 125 21.50 15.55 3.71
C PRO A 125 20.43 14.68 4.38
N THR A 126 19.61 14.04 3.56
CA THR A 126 18.57 13.16 4.06
C THR A 126 18.27 12.11 3.01
N TRP A 127 17.42 11.16 3.37
CA TRP A 127 16.98 10.07 2.50
C TRP A 127 16.26 10.74 1.30
N PRO A 128 16.83 10.60 0.09
CA PRO A 128 16.28 11.17 -1.14
C PRO A 128 14.79 10.98 -1.38
N ASN A 129 14.22 9.89 -0.88
CA ASN A 129 12.80 9.66 -1.05
C ASN A 129 12.00 10.77 -0.38
N HIS A 130 12.50 11.30 0.72
CA HIS A 130 11.83 12.38 1.45
C HIS A 130 11.51 13.53 0.50
N VAL A 131 12.55 14.07 -0.10
CA VAL A 131 12.44 15.17 -1.03
C VAL A 131 11.53 14.83 -2.19
N SER A 132 11.71 13.65 -2.78
CA SER A 132 10.91 13.24 -3.92
C SER A 132 9.41 13.27 -3.66
N ILE A 133 8.99 12.74 -2.50
CA ILE A 133 7.58 12.71 -2.10
C ILE A 133 7.03 14.13 -1.94
N MET A 134 7.80 14.99 -1.27
CA MET A 134 7.39 16.37 -1.05
C MET A 134 7.34 17.15 -2.38
N ASN A 135 8.34 16.95 -3.24
CA ASN A 135 8.37 17.62 -4.53
C ASN A 135 7.15 17.18 -5.32
N PHE A 136 6.81 15.91 -5.18
CA PHE A 136 5.65 15.36 -5.85
C PHE A 136 4.37 16.01 -5.36
N MET A 137 4.24 16.18 -4.05
CA MET A 137 3.07 16.80 -3.44
C MET A 137 3.00 18.31 -3.67
N GLY A 138 4.12 18.89 -4.10
CA GLY A 138 4.17 20.33 -4.33
C GLY A 138 4.33 21.10 -3.03
N LEU A 139 4.96 20.49 -2.04
CA LEU A 139 5.16 21.13 -0.74
C LEU A 139 6.46 21.93 -0.70
N PRO A 140 6.43 23.13 -0.10
CA PRO A 140 7.63 23.95 -0.01
C PRO A 140 8.62 23.15 0.84
N VAL A 141 9.90 23.14 0.47
CA VAL A 141 10.90 22.41 1.24
C VAL A 141 12.10 23.30 1.56
N GLN A 142 12.49 23.30 2.83
CA GLN A 142 13.62 24.08 3.33
C GLN A 142 14.59 23.11 3.98
N THR A 143 15.88 23.39 3.83
CA THR A 143 16.93 22.56 4.37
C THR A 143 17.46 23.14 5.70
N TYR A 144 18.02 22.29 6.55
CA TYR A 144 18.65 22.74 7.80
C TYR A 144 19.92 21.95 7.84
N ARG A 145 21.04 22.63 8.04
CA ARG A 145 22.35 21.98 8.08
C ARG A 145 22.37 20.80 9.05
N TYR A 146 23.22 19.83 8.78
CA TYR A 146 23.29 18.67 9.62
C TYR A 146 24.66 17.97 9.57
N PHE A 147 25.01 17.41 8.42
CA PHE A 147 26.28 16.72 8.29
C PHE A 147 27.43 17.67 8.08
N ASP A 148 28.46 17.54 8.90
CA ASP A 148 29.63 18.37 8.77
C ASP A 148 30.59 17.54 7.95
N ALA A 149 30.80 17.94 6.70
CA ALA A 149 31.70 17.23 5.79
C ALA A 149 33.14 17.08 6.28
N GLU A 150 33.57 17.99 7.16
CA GLU A 150 34.92 18.00 7.72
C GLU A 150 35.14 16.98 8.83
N THR A 151 34.28 17.03 9.85
CA THR A 151 34.41 16.13 10.98
C THR A 151 33.59 14.86 10.84
N ARG A 152 32.72 14.82 9.83
CA ARG A 152 31.83 13.70 9.58
C ARG A 152 30.85 13.52 10.73
N GLY A 153 30.76 14.55 11.57
CA GLY A 153 29.87 14.55 12.71
C GLY A 153 28.70 15.48 12.45
N VAL A 154 28.01 15.89 13.51
CA VAL A 154 26.86 16.78 13.38
C VAL A 154 27.20 18.24 13.64
N ASP A 155 26.85 19.09 12.68
CA ASP A 155 27.05 20.52 12.76
C ASP A 155 25.81 20.99 13.53
N PHE A 156 25.82 20.76 14.86
CA PHE A 156 24.69 21.11 15.69
C PHE A 156 24.41 22.60 15.77
N GLU A 157 25.47 23.40 15.80
CA GLU A 157 25.34 24.86 15.86
C GLU A 157 24.59 25.34 14.64
N GLY A 158 24.96 24.82 13.47
CA GLY A 158 24.33 25.20 12.23
C GLY A 158 22.88 24.76 12.21
N MET A 159 22.65 23.52 12.63
CA MET A 159 21.31 22.97 12.70
C MET A 159 20.41 23.87 13.54
N LYS A 160 20.94 24.32 14.68
CA LYS A 160 20.19 25.19 15.59
C LYS A 160 19.76 26.49 14.92
N ALA A 161 20.71 27.18 14.31
CA ALA A 161 20.42 28.44 13.63
C ALA A 161 19.35 28.29 12.55
N ASP A 162 19.50 27.30 11.68
CA ASP A 162 18.56 27.06 10.58
C ASP A 162 17.14 26.70 11.04
N LEU A 163 17.05 26.00 12.16
CA LEU A 163 15.75 25.61 12.72
C LEU A 163 15.07 26.77 13.40
N ALA A 164 15.84 27.75 13.87
CA ALA A 164 15.27 28.89 14.56
C ALA A 164 14.34 29.69 13.65
N ALA A 165 14.51 29.50 12.34
CA ALA A 165 13.69 30.19 11.35
C ALA A 165 12.33 29.54 11.10
N ALA A 166 12.10 28.37 11.69
CA ALA A 166 10.83 27.68 11.51
C ALA A 166 9.71 28.51 12.10
N LYS A 167 8.55 28.45 11.48
CA LYS A 167 7.39 29.20 11.94
C LYS A 167 6.39 28.25 12.57
N LYS A 168 5.38 28.82 13.21
CA LYS A 168 4.30 28.10 13.87
C LYS A 168 3.58 27.28 12.81
N GLY A 169 3.49 25.96 13.02
CA GLY A 169 2.78 25.12 12.06
C GLY A 169 3.61 24.47 10.97
N ASP A 170 4.92 24.74 10.94
CA ASP A 170 5.79 24.14 9.95
C ASP A 170 6.18 22.77 10.46
N MET A 171 6.56 21.88 9.56
CA MET A 171 6.96 20.54 9.92
C MET A 171 8.46 20.40 9.83
N VAL A 172 9.07 19.85 10.89
CA VAL A 172 10.51 19.63 10.91
C VAL A 172 10.68 18.11 10.93
N LEU A 173 11.27 17.57 9.87
CA LEU A 173 11.47 16.14 9.75
C LEU A 173 12.78 15.75 10.41
N LEU A 174 12.70 14.86 11.40
CA LEU A 174 13.88 14.38 12.13
C LEU A 174 14.00 12.87 12.02
N HIS A 175 15.22 12.37 11.95
CA HIS A 175 15.44 10.94 11.93
C HIS A 175 15.49 10.55 13.41
N GLY A 176 14.66 9.60 13.81
CA GLY A 176 14.66 9.18 15.21
C GLY A 176 16.00 8.65 15.65
N CYS A 177 16.65 7.88 14.77
CA CYS A 177 17.96 7.29 15.05
C CYS A 177 18.63 6.81 13.76
N CYS A 178 19.88 6.37 13.87
CA CYS A 178 20.66 5.87 12.75
C CYS A 178 20.43 6.67 11.49
N HIS A 179 20.92 7.91 11.48
CA HIS A 179 20.71 8.77 10.33
C HIS A 179 21.17 8.16 9.01
N ASN A 180 20.25 8.14 8.04
CA ASN A 180 20.46 7.63 6.69
C ASN A 180 20.47 8.91 5.84
N PRO A 181 21.51 9.13 5.02
CA PRO A 181 22.72 8.34 4.75
C PRO A 181 23.97 8.50 5.60
N THR A 182 24.08 9.61 6.34
CA THR A 182 25.29 9.90 7.12
C THR A 182 25.82 8.98 8.22
N GLY A 183 24.93 8.51 9.10
CA GLY A 183 25.35 7.67 10.20
C GLY A 183 25.66 8.51 11.43
N ALA A 184 25.67 9.83 11.27
CA ALA A 184 25.94 10.77 12.36
C ALA A 184 24.66 11.04 13.13
N ASN A 185 24.71 10.92 14.44
CA ASN A 185 23.50 11.10 15.23
C ASN A 185 23.55 12.11 16.35
N LEU A 186 22.36 12.48 16.83
CA LEU A 186 22.20 13.44 17.90
C LEU A 186 22.34 12.74 19.25
N THR A 187 22.92 13.44 20.21
CA THR A 187 23.08 12.90 21.55
C THR A 187 21.79 13.32 22.25
N LEU A 188 21.40 12.60 23.29
CA LEU A 188 20.18 12.92 24.03
C LEU A 188 20.17 14.38 24.54
N ASP A 189 21.34 14.93 24.84
CA ASP A 189 21.44 16.32 25.29
C ASP A 189 21.15 17.25 24.10
N GLN A 190 21.52 16.82 22.90
CA GLN A 190 21.26 17.61 21.72
C GLN A 190 19.77 17.54 21.40
N TRP A 191 19.17 16.38 21.69
CA TRP A 191 17.72 16.18 21.49
C TRP A 191 16.97 17.12 22.41
N ALA A 192 17.39 17.16 23.67
CA ALA A 192 16.80 18.02 24.69
C ALA A 192 16.75 19.46 24.19
N GLU A 193 17.86 19.93 23.63
CA GLU A 193 17.94 21.27 23.09
C GLU A 193 17.01 21.48 21.89
N ILE A 194 17.02 20.54 20.95
CA ILE A 194 16.16 20.65 19.77
C ILE A 194 14.70 20.77 20.23
N ALA A 195 14.35 20.04 21.30
CA ALA A 195 12.98 20.08 21.82
C ALA A 195 12.60 21.49 22.25
N SER A 196 13.57 22.20 22.82
CA SER A 196 13.33 23.58 23.28
C SER A 196 13.06 24.50 22.10
N ILE A 197 13.80 24.31 21.02
CA ILE A 197 13.62 25.14 19.84
C ILE A 197 12.26 24.87 19.20
N LEU A 198 11.78 23.63 19.33
CA LEU A 198 10.48 23.29 18.75
C LEU A 198 9.33 23.90 19.55
N GLU A 199 9.41 23.85 20.88
CA GLU A 199 8.38 24.43 21.74
C GLU A 199 8.29 25.92 21.39
N LYS A 200 9.46 26.57 21.42
CA LYS A 200 9.62 27.98 21.11
C LYS A 200 8.97 28.39 19.79
N THR A 201 9.31 27.70 18.71
CA THR A 201 8.79 28.02 17.39
C THR A 201 7.37 27.49 17.13
N GLY A 202 7.02 26.38 17.78
CA GLY A 202 5.72 25.80 17.58
C GLY A 202 5.63 24.98 16.29
N ALA A 203 6.78 24.48 15.84
CA ALA A 203 6.84 23.66 14.63
C ALA A 203 6.51 22.23 15.02
N LEU A 204 5.78 21.54 14.13
CA LEU A 204 5.35 20.16 14.33
C LEU A 204 6.43 19.18 13.90
N PRO A 205 6.93 18.33 14.82
CA PRO A 205 7.97 17.37 14.46
C PRO A 205 7.46 16.06 13.86
N LEU A 206 8.00 15.71 12.70
CA LEU A 206 7.68 14.46 12.02
C LEU A 206 8.94 13.64 12.21
N ILE A 207 8.84 12.58 13.01
CA ILE A 207 9.99 11.74 13.28
C ILE A 207 9.96 10.46 12.46
N ASP A 208 11.02 10.26 11.68
CA ASP A 208 11.17 9.08 10.84
C ASP A 208 11.95 8.02 11.63
N LEU A 209 11.23 7.00 12.15
CA LEU A 209 11.88 5.94 12.92
C LEU A 209 11.91 4.64 12.12
N ALA A 210 13.01 4.41 11.41
CA ALA A 210 13.15 3.21 10.57
C ALA A 210 14.22 2.19 10.99
N TYR A 211 15.08 2.54 11.94
CA TYR A 211 16.15 1.65 12.38
C TYR A 211 16.22 1.36 13.87
N GLN A 212 15.08 1.38 14.56
CA GLN A 212 15.05 1.13 16.00
C GLN A 212 15.62 -0.25 16.26
N GLY A 213 16.71 -0.29 17.02
CA GLY A 213 17.37 -1.55 17.32
C GLY A 213 18.65 -1.79 16.55
N PHE A 214 19.02 -0.89 15.63
CA PHE A 214 20.24 -1.03 14.84
C PHE A 214 21.40 -0.16 15.29
N GLY A 215 21.14 0.76 16.22
CA GLY A 215 22.16 1.65 16.72
C GLY A 215 22.76 1.16 18.02
N ASP A 216 22.14 1.57 19.12
CA ASP A 216 22.58 1.19 20.46
C ASP A 216 21.65 0.16 21.09
N GLY A 217 20.41 0.11 20.62
CA GLY A 217 19.46 -0.85 21.15
C GLY A 217 18.04 -0.37 20.97
N LEU A 218 17.07 -1.27 21.07
CA LEU A 218 15.67 -0.90 20.92
C LEU A 218 15.29 0.30 21.78
N GLU A 219 15.50 0.17 23.08
CA GLU A 219 15.18 1.24 24.02
C GLU A 219 15.99 2.50 23.77
N GLU A 220 17.30 2.34 23.67
CA GLU A 220 18.19 3.46 23.47
C GLU A 220 17.90 4.28 22.22
N ASP A 221 17.67 3.60 21.10
CA ASP A 221 17.39 4.25 19.82
C ASP A 221 16.09 5.05 19.82
N ALA A 222 15.21 4.73 20.75
CA ALA A 222 13.93 5.45 20.86
C ALA A 222 13.97 6.56 21.90
N ALA A 223 15.09 6.70 22.61
CA ALA A 223 15.22 7.73 23.64
C ALA A 223 14.90 9.11 23.08
N GLY A 224 15.47 9.41 21.92
CA GLY A 224 15.25 10.69 21.27
C GLY A 224 13.78 10.93 21.02
N THR A 225 13.14 9.95 20.40
CA THR A 225 11.72 10.03 20.08
C THR A 225 10.90 10.23 21.37
N ARG A 226 11.23 9.47 22.41
CA ARG A 226 10.51 9.56 23.67
C ARG A 226 10.66 10.91 24.36
N LEU A 227 11.80 11.57 24.15
CA LEU A 227 12.04 12.88 24.73
C LEU A 227 11.08 13.85 24.05
N ILE A 228 11.07 13.85 22.72
CA ILE A 228 10.20 14.72 21.95
C ILE A 228 8.74 14.48 22.33
N ALA A 229 8.37 13.21 22.44
CA ALA A 229 7.01 12.82 22.79
C ALA A 229 6.56 13.30 24.18
N SER A 230 7.50 13.38 25.12
CA SER A 230 7.14 13.83 26.46
C SER A 230 7.09 15.34 26.60
N ARG A 231 7.81 16.06 25.74
CA ARG A 231 7.83 17.52 25.83
C ARG A 231 7.01 18.28 24.78
N ILE A 232 6.76 17.67 23.62
CA ILE A 232 5.99 18.35 22.57
C ILE A 232 4.54 17.81 22.55
N PRO A 233 3.54 18.71 22.53
CA PRO A 233 2.10 18.38 22.53
C PRO A 233 1.62 17.55 21.34
N GLU A 234 2.04 17.94 20.13
CA GLU A 234 1.68 17.23 18.91
C GLU A 234 2.94 16.72 18.24
N VAL A 235 3.02 15.41 18.06
CA VAL A 235 4.17 14.79 17.41
C VAL A 235 3.66 13.75 16.42
N LEU A 236 4.37 13.61 15.29
CA LEU A 236 4.00 12.63 14.27
C LEU A 236 5.13 11.63 14.11
N ILE A 237 4.87 10.34 14.33
CA ILE A 237 5.90 9.32 14.21
C ILE A 237 5.63 8.38 13.04
N ALA A 238 6.59 8.27 12.13
CA ALA A 238 6.48 7.39 10.97
C ALA A 238 7.45 6.22 11.13
N ALA A 239 6.94 5.10 11.62
CA ALA A 239 7.78 3.93 11.87
C ALA A 239 7.82 2.88 10.75
N SER A 240 8.89 2.12 10.73
CA SER A 240 9.07 1.04 9.75
C SER A 240 9.44 -0.26 10.46
N CYS A 241 9.04 -1.38 9.88
CA CYS A 241 9.34 -2.70 10.42
C CYS A 241 10.20 -3.43 9.41
N SER A 242 10.30 -2.87 8.22
CA SER A 242 11.07 -3.44 7.12
C SER A 242 12.46 -3.93 7.50
N LYS A 243 13.22 -3.10 8.21
CA LYS A 243 14.58 -3.49 8.56
C LYS A 243 14.77 -4.23 9.87
N ASN A 244 14.29 -3.67 10.98
CA ASN A 244 14.47 -4.32 12.27
C ASN A 244 13.71 -5.65 12.43
N PHE A 245 12.81 -5.92 11.50
CA PHE A 245 12.06 -7.17 11.49
C PHE A 245 12.42 -8.02 10.28
N GLY A 246 13.10 -7.44 9.30
CA GLY A 246 13.50 -8.18 8.12
C GLY A 246 12.39 -8.54 7.16
N ILE A 247 11.31 -7.76 7.14
CA ILE A 247 10.16 -8.00 6.27
C ILE A 247 9.99 -6.86 5.27
N TYR A 248 11.10 -6.47 4.66
CA TYR A 248 11.15 -5.39 3.68
C TYR A 248 10.01 -5.42 2.65
N ARG A 249 9.83 -6.56 1.99
CA ARG A 249 8.79 -6.72 0.94
C ARG A 249 7.35 -6.89 1.40
N GLU A 250 7.14 -7.06 2.70
CA GLU A 250 5.78 -7.24 3.21
C GLU A 250 5.08 -5.89 3.35
N ARG A 251 5.87 -4.82 3.35
CA ARG A 251 5.38 -3.45 3.46
C ARG A 251 4.61 -3.18 4.77
N THR A 252 5.34 -3.18 5.87
CA THR A 252 4.76 -2.97 7.19
C THR A 252 5.35 -1.80 7.99
N GLY A 253 4.48 -0.89 8.39
CA GLY A 253 4.88 0.27 9.18
C GLY A 253 3.62 0.89 9.72
N CYS A 254 3.75 2.01 10.44
CA CYS A 254 2.59 2.70 10.99
C CYS A 254 2.90 4.15 11.38
N LEU A 255 1.88 4.99 11.31
CA LEU A 255 1.99 6.40 11.65
C LEU A 255 1.35 6.59 13.01
N LEU A 256 2.05 7.28 13.90
CA LEU A 256 1.55 7.59 15.24
C LEU A 256 1.31 9.10 15.31
N ALA A 257 0.06 9.47 15.61
CA ALA A 257 -0.31 10.86 15.76
C ALA A 257 -0.49 11.16 17.27
N LEU A 258 0.41 11.96 17.83
CA LEU A 258 0.33 12.33 19.24
C LEU A 258 -0.32 13.70 19.31
N CYS A 259 -1.47 13.78 19.97
CA CYS A 259 -2.24 15.01 20.06
C CYS A 259 -2.32 15.63 21.45
N ALA A 260 -2.77 16.87 21.49
CA ALA A 260 -2.92 17.64 22.74
C ALA A 260 -4.04 17.13 23.65
N ASP A 261 -5.11 16.59 23.07
CA ASP A 261 -6.22 16.05 23.86
C ASP A 261 -6.97 14.94 23.15
N ALA A 262 -7.98 14.37 23.82
CA ALA A 262 -8.75 13.28 23.24
C ALA A 262 -9.63 13.68 22.05
N ALA A 263 -10.29 14.83 22.13
CA ALA A 263 -11.12 15.28 21.03
C ALA A 263 -10.27 15.36 19.76
N THR A 264 -9.03 15.79 19.90
CA THR A 264 -8.12 15.90 18.77
C THR A 264 -7.75 14.50 18.28
N ARG A 265 -7.51 13.58 19.21
CA ARG A 265 -7.17 12.21 18.85
C ARG A 265 -8.27 11.66 17.95
N GLU A 266 -9.51 11.96 18.31
CA GLU A 266 -10.67 11.51 17.55
C GLU A 266 -10.65 12.08 16.12
N LEU A 267 -10.27 13.34 15.99
CA LEU A 267 -10.20 13.99 14.68
C LEU A 267 -9.07 13.40 13.85
N ALA A 268 -7.92 13.22 14.48
CA ALA A 268 -6.76 12.65 13.80
C ALA A 268 -7.03 11.24 13.35
N GLN A 269 -7.47 10.38 14.28
CA GLN A 269 -7.77 8.99 13.96
C GLN A 269 -8.74 8.88 12.77
N GLY A 270 -9.79 9.68 12.80
CA GLY A 270 -10.77 9.66 11.72
C GLY A 270 -10.17 10.10 10.40
N ALA A 271 -9.37 11.16 10.43
CA ALA A 271 -8.72 11.68 9.23
C ALA A 271 -7.68 10.70 8.69
N MET A 272 -7.13 9.90 9.60
CA MET A 272 -6.14 8.91 9.21
C MET A 272 -6.83 7.77 8.46
N ALA A 273 -7.89 7.22 9.05
CA ALA A 273 -8.62 6.14 8.41
C ALA A 273 -9.17 6.61 7.07
N PHE A 274 -9.57 7.87 7.01
CA PHE A 274 -10.10 8.47 5.79
C PHE A 274 -9.04 8.47 4.69
N LEU A 275 -7.81 8.79 5.06
CA LEU A 275 -6.70 8.85 4.13
C LEU A 275 -6.44 7.46 3.54
N ASN A 276 -6.41 6.43 4.39
CA ASN A 276 -6.20 5.06 3.91
C ASN A 276 -7.24 4.72 2.85
N ARG A 277 -8.51 4.84 3.23
CA ARG A 277 -9.66 4.55 2.39
C ARG A 277 -9.63 5.18 1.00
N GLN A 278 -9.16 6.42 0.91
CA GLN A 278 -9.09 7.13 -0.36
C GLN A 278 -7.83 6.79 -1.15
N THR A 279 -6.96 6.00 -0.56
CA THR A 279 -5.72 5.62 -1.23
C THR A 279 -5.74 4.16 -1.69
N TYR A 280 -6.07 3.24 -0.78
CA TYR A 280 -6.11 1.81 -1.09
C TYR A 280 -7.04 1.04 -0.15
N SER A 281 -7.86 1.77 0.58
CA SER A 281 -8.77 1.15 1.53
C SER A 281 -7.94 0.50 2.64
N PHE A 282 -8.22 -0.78 2.93
CA PHE A 282 -7.53 -1.51 3.98
C PHE A 282 -6.03 -1.66 3.73
N PRO A 283 -5.22 -1.60 4.80
CA PRO A 283 -3.77 -1.75 4.67
C PRO A 283 -3.37 -3.22 4.59
N PRO A 284 -2.16 -3.50 4.08
CA PRO A 284 -1.68 -4.88 3.96
C PRO A 284 -1.52 -5.57 5.31
N PHE A 285 -2.23 -6.69 5.46
CA PHE A 285 -2.28 -7.48 6.67
C PHE A 285 -1.14 -8.41 7.04
N HIS A 286 -0.61 -9.17 6.09
CA HIS A 286 0.42 -10.15 6.41
C HIS A 286 1.59 -9.76 7.31
N GLY A 287 2.40 -8.79 6.90
CA GLY A 287 3.54 -8.38 7.69
C GLY A 287 3.16 -7.82 9.06
N ALA A 288 2.05 -7.09 9.10
CA ALA A 288 1.57 -6.50 10.35
C ALA A 288 1.26 -7.57 11.38
N LYS A 289 0.67 -8.68 10.93
CA LYS A 289 0.32 -9.77 11.82
C LYS A 289 1.52 -10.53 12.32
N ILE A 290 2.61 -10.50 11.55
CA ILE A 290 3.83 -11.19 11.94
C ILE A 290 4.43 -10.40 13.10
N VAL A 291 4.41 -9.08 12.95
CA VAL A 291 4.93 -8.18 13.96
C VAL A 291 4.19 -8.29 15.29
N SER A 292 2.86 -8.21 15.25
CA SER A 292 2.03 -8.29 16.45
C SER A 292 2.21 -9.64 17.17
N THR A 293 2.34 -10.71 16.39
CA THR A 293 2.54 -12.07 16.90
C THR A 293 3.85 -12.19 17.68
N VAL A 294 4.92 -11.66 17.11
CA VAL A 294 6.25 -11.72 17.72
C VAL A 294 6.28 -10.93 19.01
N LEU A 295 5.80 -9.69 18.94
CA LEU A 295 5.76 -8.78 20.07
C LEU A 295 4.89 -9.23 21.23
N THR A 296 3.76 -9.87 20.93
CA THR A 296 2.83 -10.34 21.96
C THR A 296 3.13 -11.73 22.50
N THR A 297 3.94 -12.49 21.77
CA THR A 297 4.31 -13.83 22.20
C THR A 297 5.70 -13.79 22.80
N PRO A 298 5.80 -13.82 24.15
CA PRO A 298 7.03 -13.78 24.95
C PRO A 298 8.17 -14.59 24.34
N GLU A 299 7.84 -15.81 23.96
CA GLU A 299 8.78 -16.76 23.37
C GLU A 299 9.40 -16.22 22.10
N LEU A 300 8.60 -15.63 21.23
CA LEU A 300 9.09 -15.08 19.98
C LEU A 300 9.82 -13.78 20.21
N ARG A 301 9.18 -12.86 20.94
CA ARG A 301 9.75 -11.56 21.26
C ARG A 301 11.18 -11.70 21.76
N ALA A 302 11.38 -12.63 22.68
CA ALA A 302 12.69 -12.87 23.25
C ALA A 302 13.66 -13.27 22.15
N ASP A 303 13.27 -14.23 21.32
CA ASP A 303 14.13 -14.69 20.23
C ASP A 303 14.44 -13.57 19.22
N TRP A 304 13.46 -12.73 18.94
CA TRP A 304 13.62 -11.63 17.99
C TRP A 304 14.64 -10.61 18.48
N MET A 305 14.43 -10.11 19.70
CA MET A 305 15.33 -9.13 20.30
C MET A 305 16.75 -9.69 20.30
N ALA A 306 16.85 -10.99 20.54
CA ALA A 306 18.15 -11.67 20.58
C ALA A 306 18.85 -11.63 19.22
N GLU A 307 18.08 -11.83 18.15
CA GLU A 307 18.65 -11.83 16.82
C GLU A 307 19.01 -10.42 16.41
N LEU A 308 18.13 -9.47 16.69
CA LEU A 308 18.39 -8.06 16.35
C LEU A 308 19.67 -7.61 17.05
N GLU A 309 19.83 -7.98 18.33
CA GLU A 309 21.01 -7.60 19.10
C GLU A 309 22.30 -8.14 18.52
N ALA A 310 22.25 -9.39 18.06
CA ALA A 310 23.41 -10.04 17.47
C ALA A 310 23.84 -9.24 16.24
N VAL A 311 22.85 -8.87 15.43
CA VAL A 311 23.06 -8.08 14.22
C VAL A 311 23.73 -6.75 14.56
N ARG A 312 23.16 -6.06 15.55
CA ARG A 312 23.67 -4.77 16.01
C ARG A 312 25.11 -4.89 16.51
N SER A 313 25.38 -5.91 17.33
CA SER A 313 26.71 -6.14 17.87
C SER A 313 27.69 -6.44 16.74
N GLY A 314 27.29 -7.31 15.81
CA GLY A 314 28.13 -7.65 14.69
C GLY A 314 28.55 -6.42 13.87
N MET A 315 27.58 -5.58 13.50
CA MET A 315 27.86 -4.38 12.72
C MET A 315 28.81 -3.45 13.45
N LEU A 316 28.58 -3.26 14.75
CA LEU A 316 29.41 -2.38 15.55
C LEU A 316 30.86 -2.88 15.57
N ARG A 317 31.04 -4.20 15.62
CA ARG A 317 32.38 -4.77 15.61
C ARG A 317 33.07 -4.42 14.30
N LEU A 318 32.36 -4.55 13.19
CA LEU A 318 32.90 -4.22 11.86
C LEU A 318 33.37 -2.77 11.86
N ARG A 319 32.57 -1.90 12.49
CA ARG A 319 32.90 -0.49 12.59
C ARG A 319 34.22 -0.31 13.31
N GLU A 320 34.32 -0.91 14.50
CA GLU A 320 35.54 -0.83 15.30
C GLU A 320 36.74 -1.38 14.52
N GLN A 321 36.50 -2.45 13.77
CA GLN A 321 37.55 -3.06 12.96
C GLN A 321 38.03 -2.13 11.87
N LEU A 322 37.10 -1.55 11.13
CA LEU A 322 37.46 -0.63 10.05
C LEU A 322 38.23 0.55 10.63
N ALA A 323 37.71 1.14 11.70
CA ALA A 323 38.36 2.27 12.35
C ALA A 323 39.77 1.89 12.77
N GLY A 324 39.93 0.71 13.37
CA GLY A 324 41.22 0.24 13.81
C GLY A 324 42.18 0.08 12.64
N GLU A 325 41.70 -0.57 11.59
CA GLU A 325 42.51 -0.79 10.38
C GLU A 325 42.94 0.56 9.82
N LEU A 326 42.01 1.52 9.77
CA LEU A 326 42.30 2.85 9.27
C LEU A 326 43.29 3.64 10.13
N ARG A 327 43.32 3.36 11.43
CA ARG A 327 44.24 4.04 12.32
C ARG A 327 45.68 3.56 12.07
N ASP A 328 45.85 2.25 11.87
CA ASP A 328 47.17 1.67 11.62
C ASP A 328 47.75 2.14 10.29
N LEU A 329 46.88 2.29 9.30
CA LEU A 329 47.29 2.72 7.97
C LEU A 329 47.57 4.23 7.84
N SER A 330 46.88 5.04 8.63
CA SER A 330 47.06 6.50 8.56
C SER A 330 47.94 7.12 9.65
N GLY A 331 48.09 6.43 10.77
CA GLY A 331 48.89 6.97 11.85
C GLY A 331 48.18 8.11 12.58
N SER A 332 46.85 8.10 12.54
CA SER A 332 46.05 9.14 13.20
C SER A 332 44.64 8.64 13.50
N ASP A 333 43.87 9.45 14.22
CA ASP A 333 42.49 9.13 14.55
C ASP A 333 41.55 9.98 13.70
N ARG A 334 41.99 10.26 12.48
CA ARG A 334 41.24 11.08 11.53
C ARG A 334 39.91 10.40 11.16
N PHE A 335 39.95 9.07 11.07
CA PHE A 335 38.79 8.28 10.69
C PHE A 335 38.05 7.61 11.85
N GLY A 336 38.28 8.10 13.05
CA GLY A 336 37.63 7.52 14.21
C GLY A 336 36.12 7.62 14.16
N PHE A 337 35.59 8.58 13.42
CA PHE A 337 34.16 8.77 13.31
C PHE A 337 33.43 7.51 12.89
N VAL A 338 34.08 6.65 12.11
CA VAL A 338 33.49 5.41 11.64
C VAL A 338 33.02 4.54 12.83
N ALA A 339 33.66 4.75 13.98
CA ALA A 339 33.34 4.02 15.21
C ALA A 339 32.26 4.74 16.02
N GLU A 340 32.12 6.04 15.83
CA GLU A 340 31.12 6.82 16.55
C GLU A 340 29.77 6.78 15.86
N HIS A 341 29.80 6.59 14.55
CA HIS A 341 28.57 6.51 13.77
C HIS A 341 27.70 5.34 14.21
N ARG A 342 26.38 5.47 14.03
CA ARG A 342 25.45 4.40 14.39
C ARG A 342 24.47 4.10 13.25
N GLY A 343 24.23 2.81 13.02
CA GLY A 343 23.34 2.39 11.96
C GLY A 343 24.15 1.57 10.97
N MET A 344 23.55 1.15 9.86
CA MET A 344 24.30 0.37 8.89
C MET A 344 24.92 1.21 7.79
N PHE A 345 24.75 2.52 7.86
CA PHE A 345 25.29 3.41 6.84
C PHE A 345 26.24 4.42 7.43
N SER A 346 27.14 4.91 6.58
CA SER A 346 28.11 5.92 6.96
C SER A 346 28.54 6.64 5.70
N ARG A 347 28.60 7.95 5.78
CA ARG A 347 29.08 8.74 4.65
C ARG A 347 30.53 9.04 5.02
N LEU A 348 31.45 8.52 4.21
CA LEU A 348 32.89 8.70 4.43
C LEU A 348 33.34 10.13 4.24
N GLY A 349 32.60 10.89 3.45
CA GLY A 349 32.98 12.27 3.19
C GLY A 349 33.98 12.36 2.05
N ALA A 350 33.84 11.46 1.08
CA ALA A 350 34.72 11.45 -0.08
C ALA A 350 34.00 12.21 -1.18
N THR A 351 34.77 12.92 -2.02
CA THR A 351 34.18 13.67 -3.12
C THR A 351 33.89 12.69 -4.26
N PRO A 352 32.98 13.07 -5.19
CA PRO A 352 32.65 12.19 -6.32
C PRO A 352 33.87 11.68 -7.09
N GLU A 353 34.86 12.55 -7.27
CA GLU A 353 36.09 12.18 -7.96
C GLU A 353 36.73 11.01 -7.24
N GLN A 354 36.90 11.16 -5.93
CA GLN A 354 37.49 10.13 -5.07
C GLN A 354 36.65 8.85 -5.06
N VAL A 355 35.33 8.99 -5.08
CA VAL A 355 34.44 7.84 -5.10
C VAL A 355 34.65 7.11 -6.41
N LYS A 356 34.89 7.85 -7.48
CA LYS A 356 35.14 7.26 -8.79
C LYS A 356 36.53 6.59 -8.86
N ARG A 357 37.52 7.19 -8.20
CA ARG A 357 38.89 6.66 -8.17
C ARG A 357 38.91 5.31 -7.50
N ILE A 358 38.18 5.20 -6.39
CA ILE A 358 38.09 3.95 -5.62
C ILE A 358 37.54 2.82 -6.49
N LYS A 359 36.48 3.10 -7.23
CA LYS A 359 35.88 2.10 -8.11
C LYS A 359 36.87 1.66 -9.21
N GLU A 360 37.33 2.61 -10.01
CA GLU A 360 38.28 2.34 -11.09
C GLU A 360 39.58 1.66 -10.68
N GLU A 361 40.13 2.07 -9.55
CA GLU A 361 41.39 1.51 -9.08
C GLU A 361 41.28 0.34 -8.12
N PHE A 362 40.25 0.35 -7.27
CA PHE A 362 40.08 -0.69 -6.27
C PHE A 362 38.89 -1.62 -6.45
N GLY A 363 38.04 -1.31 -7.41
CA GLY A 363 36.88 -2.15 -7.66
C GLY A 363 35.82 -2.14 -6.59
N ILE A 364 35.84 -1.09 -5.76
CA ILE A 364 34.87 -0.97 -4.69
C ILE A 364 33.77 0.00 -5.10
N TYR A 365 32.53 -0.44 -4.95
CA TYR A 365 31.37 0.35 -5.30
C TYR A 365 30.64 0.87 -4.07
N MET A 366 30.12 2.08 -4.19
CA MET A 366 29.37 2.74 -3.12
C MET A 366 28.53 3.85 -3.77
N VAL A 367 27.61 4.43 -3.01
CA VAL A 367 26.77 5.49 -3.56
C VAL A 367 27.67 6.71 -3.84
N GLY A 368 27.25 7.54 -4.80
CA GLY A 368 28.03 8.70 -5.17
C GLY A 368 28.30 9.68 -4.05
N ASP A 369 27.45 9.68 -3.03
CA ASP A 369 27.62 10.57 -1.89
C ASP A 369 28.57 9.95 -0.87
N SER A 370 29.24 8.87 -1.28
CA SER A 370 30.19 8.12 -0.46
C SER A 370 29.55 7.43 0.75
N ARG A 371 28.31 7.00 0.57
CA ARG A 371 27.57 6.30 1.60
C ARG A 371 27.90 4.83 1.45
N ILE A 372 28.46 4.23 2.50
CA ILE A 372 28.79 2.81 2.47
C ILE A 372 27.84 2.05 3.37
N ASN A 373 27.74 0.74 3.16
CA ASN A 373 26.90 -0.10 3.98
C ASN A 373 27.89 -0.95 4.77
N ILE A 374 27.87 -0.77 6.09
CA ILE A 374 28.74 -1.49 7.01
C ILE A 374 28.59 -3.01 6.92
N ALA A 375 27.36 -3.48 6.80
CA ALA A 375 27.07 -4.91 6.70
C ALA A 375 27.78 -5.59 5.52
N GLY A 376 28.20 -4.78 4.54
CA GLY A 376 28.89 -5.31 3.39
C GLY A 376 30.35 -5.62 3.65
N LEU A 377 30.87 -5.16 4.78
CA LEU A 377 32.26 -5.38 5.14
C LEU A 377 32.50 -6.69 5.88
N ASN A 378 33.76 -7.11 5.94
CA ASN A 378 34.17 -8.33 6.62
C ASN A 378 35.68 -8.40 6.67
N ASP A 379 36.21 -9.40 7.36
CA ASP A 379 37.65 -9.62 7.53
C ASP A 379 38.44 -9.52 6.24
N ASN A 380 37.81 -9.92 5.14
CA ASN A 380 38.46 -9.90 3.85
C ASN A 380 38.32 -8.59 3.08
N THR A 381 37.18 -7.94 3.21
CA THR A 381 36.93 -6.68 2.50
C THR A 381 37.48 -5.42 3.19
N ILE A 382 37.48 -5.41 4.53
CA ILE A 382 37.96 -4.27 5.33
C ILE A 382 39.35 -3.74 4.96
N PRO A 383 40.35 -4.64 4.87
CA PRO A 383 41.72 -4.24 4.52
C PRO A 383 41.76 -3.47 3.22
N ILE A 384 41.09 -4.02 2.21
CA ILE A 384 41.01 -3.44 0.88
C ILE A 384 40.40 -2.05 0.93
N LEU A 385 39.24 -1.94 1.55
CA LEU A 385 38.52 -0.66 1.69
C LEU A 385 39.37 0.41 2.40
N ALA A 386 40.04 0.01 3.48
CA ALA A 386 40.89 0.92 4.23
C ALA A 386 42.04 1.42 3.34
N ARG A 387 42.67 0.48 2.65
CA ARG A 387 43.78 0.82 1.76
C ARG A 387 43.33 1.80 0.68
N ALA A 388 42.13 1.57 0.13
CA ALA A 388 41.60 2.43 -0.93
C ALA A 388 41.32 3.86 -0.47
N ILE A 389 40.64 3.98 0.67
CA ILE A 389 40.30 5.29 1.23
C ILE A 389 41.58 6.11 1.35
N ILE A 390 42.59 5.50 1.96
CA ILE A 390 43.89 6.14 2.15
C ILE A 390 44.62 6.45 0.86
N GLU A 391 44.66 5.48 -0.04
CA GLU A 391 45.34 5.65 -1.31
C GLU A 391 44.76 6.75 -2.20
N VAL A 392 43.45 6.96 -2.11
CA VAL A 392 42.79 7.97 -2.92
C VAL A 392 42.90 9.37 -2.29
N GLY A 393 43.51 9.45 -1.12
CA GLY A 393 43.70 10.74 -0.47
C GLY A 393 42.46 11.36 0.15
N VAL A 394 41.67 10.54 0.84
CA VAL A 394 40.47 11.02 1.51
C VAL A 394 40.84 11.30 2.97
N MET B 1 -2.13 22.18 15.65
CA MET B 1 -2.34 22.14 14.18
C MET B 1 -3.37 21.07 13.80
N LEU B 2 -3.19 19.86 14.32
CA LEU B 2 -4.12 18.77 14.02
C LEU B 2 -5.52 19.05 14.53
N GLY B 3 -5.63 20.00 15.47
CA GLY B 3 -6.93 20.36 16.00
C GLY B 3 -7.78 21.10 14.99
N ASN B 4 -7.16 21.51 13.89
CA ASN B 4 -7.85 22.24 12.83
C ASN B 4 -8.54 21.27 11.86
N LEU B 5 -8.29 19.98 12.02
CA LEU B 5 -8.88 18.95 11.16
C LEU B 5 -10.41 18.93 11.27
N LYS B 6 -11.07 18.69 10.15
CA LYS B 6 -12.52 18.63 10.15
C LYS B 6 -13.00 17.19 9.94
N PRO B 7 -14.11 16.82 10.56
CA PRO B 7 -14.61 15.45 10.40
C PRO B 7 -14.94 15.12 8.93
N GLN B 8 -14.57 13.92 8.51
CA GLN B 8 -14.80 13.42 7.15
C GLN B 8 -16.01 12.50 7.17
N ALA B 9 -16.66 12.34 6.02
CA ALA B 9 -17.82 11.44 5.93
C ALA B 9 -17.36 9.98 5.89
N PRO B 10 -18.01 9.10 6.68
CA PRO B 10 -17.71 7.66 6.77
C PRO B 10 -18.24 6.82 5.61
N ASP B 11 -17.71 5.62 5.43
CA ASP B 11 -18.18 4.72 4.38
C ASP B 11 -19.37 3.95 4.95
N LYS B 12 -20.55 4.23 4.43
CA LYS B 12 -21.78 3.59 4.89
C LYS B 12 -21.81 2.07 4.82
N ILE B 13 -21.27 1.49 3.75
CA ILE B 13 -21.23 0.03 3.60
C ILE B 13 -20.42 -0.59 4.73
N LEU B 14 -19.37 0.11 5.15
CA LEU B 14 -18.51 -0.36 6.25
C LEU B 14 -19.16 -0.02 7.58
N ALA B 15 -19.97 1.04 7.58
CA ALA B 15 -20.68 1.47 8.79
C ALA B 15 -21.52 0.30 9.30
N LEU B 16 -22.30 -0.29 8.41
CA LEU B 16 -23.14 -1.43 8.76
C LEU B 16 -22.29 -2.50 9.44
N MET B 17 -21.12 -2.76 8.85
CA MET B 17 -20.18 -3.75 9.35
C MET B 17 -19.91 -3.52 10.84
N GLY B 18 -19.82 -2.25 11.23
CA GLY B 18 -19.58 -1.92 12.63
C GLY B 18 -20.81 -2.14 13.49
N GLU B 19 -21.97 -1.82 12.94
CA GLU B 19 -23.24 -1.98 13.66
C GLU B 19 -23.49 -3.45 13.99
N PHE B 20 -23.57 -4.26 12.95
CA PHE B 20 -23.82 -5.70 13.07
C PHE B 20 -22.91 -6.32 14.14
N GLY B 27 -30.38 -14.04 15.28
CA GLY B 27 -31.51 -13.35 14.65
C GLY B 27 -31.07 -12.27 13.68
N LYS B 28 -29.79 -11.94 13.71
CA LYS B 28 -29.23 -10.92 12.82
C LYS B 28 -28.87 -11.59 11.50
N ILE B 29 -29.23 -10.94 10.39
CA ILE B 29 -28.93 -11.47 9.06
C ILE B 29 -28.11 -10.44 8.27
N ASP B 30 -26.80 -10.67 8.19
CA ASP B 30 -25.89 -9.77 7.49
C ASP B 30 -25.86 -9.97 5.97
N LEU B 31 -26.43 -9.01 5.26
CA LEU B 31 -26.48 -9.01 3.80
C LEU B 31 -25.79 -7.74 3.28
N GLY B 32 -24.84 -7.24 4.05
CA GLY B 32 -24.14 -6.02 3.67
C GLY B 32 -22.85 -6.17 2.88
N VAL B 33 -21.73 -5.94 3.56
CA VAL B 33 -20.39 -5.98 2.96
C VAL B 33 -20.21 -7.08 1.90
N GLY B 34 -19.64 -6.66 0.77
CA GLY B 34 -19.40 -7.55 -0.35
C GLY B 34 -18.30 -8.54 -0.13
N VAL B 35 -18.66 -9.66 0.48
CA VAL B 35 -17.72 -10.73 0.74
C VAL B 35 -18.51 -12.01 0.53
N TYR B 36 -17.88 -13.01 -0.07
CA TYR B 36 -18.58 -14.26 -0.27
C TYR B 36 -18.61 -15.03 1.07
N LYS B 37 -19.79 -15.50 1.45
CA LYS B 37 -19.96 -16.24 2.69
C LYS B 37 -20.54 -17.61 2.34
N ASP B 38 -20.00 -18.67 2.94
CA ASP B 38 -20.51 -20.02 2.68
C ASP B 38 -21.78 -20.30 3.49
N ALA B 39 -22.35 -21.49 3.28
CA ALA B 39 -23.57 -21.90 3.96
C ALA B 39 -23.61 -21.56 5.45
N THR B 40 -22.45 -21.58 6.10
CA THR B 40 -22.38 -21.29 7.53
C THR B 40 -21.89 -19.91 7.91
N GLY B 41 -22.14 -18.92 7.06
CA GLY B 41 -21.72 -17.55 7.36
C GLY B 41 -20.26 -17.46 7.73
N HIS B 42 -19.41 -17.96 6.83
CA HIS B 42 -17.97 -17.93 7.04
C HIS B 42 -17.36 -17.62 5.69
N THR B 43 -16.28 -16.85 5.70
CA THR B 43 -15.55 -16.53 4.48
C THR B 43 -14.29 -17.38 4.58
N PRO B 44 -14.32 -18.58 3.99
CA PRO B 44 -13.17 -19.48 4.03
C PRO B 44 -11.98 -19.08 3.16
N ILE B 45 -10.85 -19.70 3.43
CA ILE B 45 -9.63 -19.48 2.68
C ILE B 45 -9.69 -20.58 1.62
N MET B 46 -9.64 -20.19 0.35
CA MET B 46 -9.70 -21.18 -0.72
C MET B 46 -8.58 -22.21 -0.63
N ARG B 47 -8.90 -23.47 -0.89
CA ARG B 47 -7.94 -24.57 -0.83
C ARG B 47 -6.59 -24.26 -1.47
N ALA B 48 -6.59 -23.88 -2.74
CA ALA B 48 -5.38 -23.57 -3.48
C ALA B 48 -4.55 -22.48 -2.79
N VAL B 49 -5.22 -21.43 -2.34
CA VAL B 49 -4.55 -20.33 -1.67
C VAL B 49 -3.78 -20.86 -0.46
N HIS B 50 -4.45 -21.68 0.36
CA HIS B 50 -3.83 -22.25 1.54
C HIS B 50 -2.62 -23.10 1.15
N ALA B 51 -2.74 -23.83 0.05
CA ALA B 51 -1.67 -24.69 -0.44
C ALA B 51 -0.50 -23.85 -0.93
N ALA B 52 -0.83 -22.72 -1.53
CA ALA B 52 0.18 -21.81 -2.04
C ALA B 52 0.97 -21.25 -0.85
N GLU B 53 0.26 -20.83 0.19
CA GLU B 53 0.88 -20.29 1.38
C GLU B 53 1.85 -21.30 2.00
N GLN B 54 1.45 -22.57 2.08
CA GLN B 54 2.31 -23.60 2.65
C GLN B 54 3.57 -23.74 1.79
N ARG B 55 3.37 -23.80 0.48
CA ARG B 55 4.46 -23.92 -0.48
C ARG B 55 5.43 -22.74 -0.33
N MET B 56 4.88 -21.54 -0.15
CA MET B 56 5.67 -20.32 0.02
C MET B 56 6.52 -20.35 1.28
N LEU B 57 5.93 -20.82 2.37
CA LEU B 57 6.61 -20.91 3.65
C LEU B 57 7.89 -21.73 3.56
N GLU B 58 7.86 -22.75 2.70
CA GLU B 58 9.00 -23.64 2.52
C GLU B 58 10.03 -23.18 1.51
N THR B 59 9.62 -22.34 0.57
CA THR B 59 10.53 -21.88 -0.48
C THR B 59 11.28 -20.57 -0.33
N GLU B 60 10.63 -19.55 0.24
CA GLU B 60 11.27 -18.24 0.38
C GLU B 60 12.49 -18.22 1.30
N THR B 61 13.58 -17.64 0.81
CA THR B 61 14.82 -17.54 1.59
C THR B 61 15.18 -16.12 2.05
N THR B 62 14.41 -15.13 1.61
CA THR B 62 14.65 -13.73 1.93
C THR B 62 13.39 -12.90 1.73
N LYS B 63 13.33 -11.74 2.35
CA LYS B 63 12.19 -10.84 2.22
C LYS B 63 12.65 -9.44 1.80
N THR B 64 13.85 -9.35 1.23
CA THR B 64 14.42 -8.09 0.76
C THR B 64 13.47 -7.42 -0.20
N TYR B 65 13.68 -6.12 -0.40
CA TYR B 65 12.86 -5.35 -1.34
C TYR B 65 12.91 -6.02 -2.70
N ALA B 66 11.76 -6.12 -3.36
CA ALA B 66 11.66 -6.75 -4.66
C ALA B 66 11.28 -5.76 -5.76
N GLY B 67 10.27 -6.09 -6.54
CA GLY B 67 9.86 -5.24 -7.64
C GLY B 67 8.98 -4.06 -7.31
N LEU B 68 9.43 -2.88 -7.73
CA LEU B 68 8.70 -1.63 -7.51
C LEU B 68 7.33 -1.65 -8.20
N SER B 69 7.24 -2.31 -9.35
CA SER B 69 5.99 -2.40 -10.11
C SER B 69 5.35 -3.76 -9.93
N GLY B 70 5.90 -4.57 -9.04
CA GLY B 70 5.37 -5.90 -8.81
C GLY B 70 6.35 -6.88 -9.41
N GLU B 71 6.10 -8.16 -9.17
CA GLU B 71 6.94 -9.22 -9.69
C GLU B 71 6.54 -9.61 -11.11
N PRO B 72 7.53 -9.94 -11.95
CA PRO B 72 7.31 -10.34 -13.34
C PRO B 72 6.26 -11.43 -13.47
N GLU B 73 6.35 -12.45 -12.61
CA GLU B 73 5.42 -13.58 -12.61
C GLU B 73 4.01 -13.08 -12.40
N PHE B 74 3.80 -12.30 -11.35
CA PHE B 74 2.48 -11.77 -11.05
C PHE B 74 1.92 -10.97 -12.22
N GLN B 75 2.76 -10.08 -12.75
CA GLN B 75 2.40 -9.23 -13.87
C GLN B 75 1.95 -10.04 -15.08
N LYS B 76 2.68 -11.12 -15.37
CA LYS B 76 2.37 -11.99 -16.50
C LYS B 76 1.09 -12.79 -16.24
N ALA B 77 1.03 -13.46 -15.10
CA ALA B 77 -0.14 -14.26 -14.77
C ALA B 77 -1.43 -13.44 -14.81
N MET B 78 -1.37 -12.21 -14.32
CA MET B 78 -2.55 -11.35 -14.28
C MET B 78 -3.03 -10.89 -15.67
N GLY B 79 -2.08 -10.47 -16.50
CA GLY B 79 -2.41 -10.03 -17.85
C GLY B 79 -3.09 -11.13 -18.66
N GLU B 80 -2.60 -12.35 -18.48
CA GLU B 80 -3.18 -13.49 -19.18
C GLU B 80 -4.51 -13.87 -18.56
N LEU B 81 -4.64 -13.76 -17.24
CA LEU B 81 -5.91 -14.06 -16.59
C LEU B 81 -7.00 -13.19 -17.16
N ILE B 82 -6.76 -11.89 -17.14
CA ILE B 82 -7.72 -10.89 -17.61
C ILE B 82 -7.96 -10.84 -19.11
N LEU B 83 -6.88 -10.63 -19.86
CA LEU B 83 -6.97 -10.47 -21.32
C LEU B 83 -6.81 -11.73 -22.17
N GLY B 84 -6.46 -12.84 -21.55
CA GLY B 84 -6.28 -14.06 -22.32
C GLY B 84 -5.23 -13.85 -23.40
N ASP B 85 -5.50 -14.38 -24.59
CA ASP B 85 -4.56 -14.24 -25.71
C ASP B 85 -4.53 -12.86 -26.34
N GLY B 86 -5.35 -11.95 -25.81
CA GLY B 86 -5.36 -10.60 -26.32
C GLY B 86 -4.22 -9.82 -25.69
N LEU B 87 -3.53 -10.44 -24.73
CA LEU B 87 -2.43 -9.77 -24.05
C LEU B 87 -1.25 -9.52 -24.97
N LYS B 88 -1.01 -8.25 -25.25
CA LYS B 88 0.11 -7.82 -26.07
C LYS B 88 1.04 -7.09 -25.12
N SER B 89 1.90 -7.85 -24.46
CA SER B 89 2.86 -7.30 -23.50
C SER B 89 3.67 -6.13 -24.07
N GLU B 90 3.95 -6.20 -25.36
CA GLU B 90 4.71 -5.16 -26.04
C GLU B 90 4.12 -3.76 -25.85
N THR B 91 2.80 -3.69 -25.73
CA THR B 91 2.12 -2.42 -25.56
C THR B 91 1.43 -2.29 -24.21
N THR B 92 1.62 -3.27 -23.33
CA THR B 92 0.97 -3.23 -22.03
C THR B 92 1.92 -2.96 -20.88
N ALA B 93 1.54 -2.03 -20.01
CA ALA B 93 2.32 -1.71 -18.83
C ALA B 93 1.53 -2.30 -17.66
N THR B 94 2.22 -2.93 -16.72
CA THR B 94 1.55 -3.52 -15.56
C THR B 94 2.12 -2.96 -14.26
N LEU B 95 1.25 -2.72 -13.28
CA LEU B 95 1.70 -2.19 -11.99
C LEU B 95 0.94 -2.93 -10.89
N ALA B 96 1.67 -3.53 -9.97
CA ALA B 96 1.05 -4.24 -8.84
C ALA B 96 0.66 -3.15 -7.84
N THR B 97 -0.56 -3.24 -7.33
CA THR B 97 -1.06 -2.24 -6.40
C THR B 97 -1.57 -2.80 -5.09
N VAL B 98 -2.01 -1.91 -4.21
CA VAL B 98 -2.56 -2.32 -2.93
C VAL B 98 -4.07 -2.57 -3.17
N GLY B 99 -4.36 -3.77 -3.66
CA GLY B 99 -5.73 -4.15 -3.93
C GLY B 99 -6.28 -3.44 -5.16
N GLY B 100 -7.55 -3.69 -5.45
CA GLY B 100 -8.22 -3.10 -6.58
C GLY B 100 -8.48 -1.62 -6.36
N THR B 101 -8.71 -1.26 -5.10
CA THR B 101 -8.97 0.13 -4.75
C THR B 101 -7.70 0.94 -5.04
N GLY B 102 -6.55 0.38 -4.68
CA GLY B 102 -5.28 1.04 -4.92
C GLY B 102 -5.05 1.26 -6.40
N ALA B 103 -5.45 0.26 -7.19
CA ALA B 103 -5.32 0.32 -8.66
C ALA B 103 -6.20 1.42 -9.23
N LEU B 104 -7.37 1.64 -8.63
CA LEU B 104 -8.26 2.70 -9.10
C LEU B 104 -7.64 4.08 -8.88
N ARG B 105 -7.06 4.29 -7.70
CA ARG B 105 -6.41 5.56 -7.36
C ARG B 105 -5.21 5.77 -8.28
N GLN B 106 -4.41 4.73 -8.43
CA GLN B 106 -3.21 4.76 -9.29
C GLN B 106 -3.62 5.06 -10.74
N ALA B 107 -4.79 4.58 -11.12
CA ALA B 107 -5.34 4.78 -12.46
C ALA B 107 -5.77 6.22 -12.67
N LEU B 108 -6.37 6.81 -11.63
CA LEU B 108 -6.84 8.19 -11.70
C LEU B 108 -5.66 9.15 -11.69
N GLU B 109 -4.63 8.80 -10.93
CA GLU B 109 -3.42 9.62 -10.85
C GLU B 109 -2.69 9.63 -12.19
N LEU B 110 -2.54 8.46 -12.80
CA LEU B 110 -1.88 8.32 -14.10
C LEU B 110 -2.62 9.12 -15.15
N ALA B 111 -3.94 8.94 -15.19
CA ALA B 111 -4.80 9.64 -16.13
C ALA B 111 -4.71 11.15 -15.96
N ARG B 112 -4.72 11.62 -14.71
CA ARG B 112 -4.63 13.06 -14.46
C ARG B 112 -3.27 13.60 -14.89
N MET B 113 -2.20 12.84 -14.63
CA MET B 113 -0.87 13.26 -15.04
C MET B 113 -0.92 13.52 -16.54
N ALA B 114 -1.50 12.57 -17.27
CA ALA B 114 -1.64 12.63 -18.72
C ALA B 114 -2.55 13.75 -19.22
N ASN B 115 -3.47 14.19 -18.37
CA ASN B 115 -4.41 15.23 -18.76
C ASN B 115 -5.04 15.89 -17.55
N PRO B 116 -4.58 17.11 -17.21
CA PRO B 116 -5.09 17.89 -16.08
C PRO B 116 -6.58 18.19 -16.18
N ASP B 117 -7.07 18.35 -17.40
CA ASP B 117 -8.48 18.67 -17.60
C ASP B 117 -9.33 17.44 -17.87
N LEU B 118 -9.09 16.41 -17.06
CA LEU B 118 -9.80 15.15 -17.19
C LEU B 118 -11.10 15.14 -16.37
N ARG B 119 -12.15 14.63 -17.00
CA ARG B 119 -13.46 14.51 -16.35
C ARG B 119 -13.77 13.02 -16.36
N VAL B 120 -14.40 12.53 -15.29
CA VAL B 120 -14.72 11.12 -15.21
C VAL B 120 -16.22 10.86 -15.16
N PHE B 121 -16.67 9.96 -16.04
CA PHE B 121 -18.08 9.56 -16.13
C PHE B 121 -18.24 8.28 -15.30
N VAL B 122 -19.31 8.20 -14.52
CA VAL B 122 -19.56 7.03 -13.70
C VAL B 122 -21.01 6.59 -13.88
N SER B 123 -21.28 5.32 -13.60
CA SER B 123 -22.63 4.79 -13.74
C SER B 123 -23.57 5.29 -12.67
N ASP B 124 -24.87 5.35 -13.01
CA ASP B 124 -25.88 5.75 -12.06
C ASP B 124 -26.72 4.51 -11.73
N PRO B 125 -26.50 3.88 -10.57
CA PRO B 125 -25.54 4.20 -9.51
C PRO B 125 -24.20 3.47 -9.72
N THR B 126 -23.31 3.58 -8.75
CA THR B 126 -21.99 2.95 -8.85
C THR B 126 -21.42 2.75 -7.45
N TRP B 127 -20.33 2.00 -7.37
CA TRP B 127 -19.66 1.75 -6.11
C TRP B 127 -19.33 3.12 -5.52
N PRO B 128 -19.85 3.42 -4.33
CA PRO B 128 -19.64 4.69 -3.63
C PRO B 128 -18.20 5.14 -3.50
N ASN B 129 -17.28 4.20 -3.32
CA ASN B 129 -15.87 4.55 -3.19
C ASN B 129 -15.31 5.18 -4.45
N HIS B 130 -15.97 4.99 -5.58
CA HIS B 130 -15.51 5.58 -6.83
C HIS B 130 -15.59 7.10 -6.76
N VAL B 131 -16.78 7.60 -6.48
CA VAL B 131 -17.00 9.05 -6.39
C VAL B 131 -16.20 9.66 -5.23
N SER B 132 -16.02 8.90 -4.16
CA SER B 132 -15.27 9.34 -3.00
C SER B 132 -13.86 9.71 -3.40
N ILE B 133 -13.13 8.75 -3.96
CA ILE B 133 -11.76 8.96 -4.40
C ILE B 133 -11.70 10.15 -5.36
N MET B 134 -12.67 10.21 -6.25
CA MET B 134 -12.76 11.28 -7.23
C MET B 134 -13.00 12.64 -6.59
N ASN B 135 -13.87 12.69 -5.59
CA ASN B 135 -14.17 13.94 -4.90
C ASN B 135 -12.87 14.39 -4.23
N PHE B 136 -12.29 13.49 -3.45
CA PHE B 136 -11.04 13.75 -2.75
C PHE B 136 -9.98 14.35 -3.68
N MET B 137 -9.81 13.76 -4.86
CA MET B 137 -8.83 14.25 -5.83
C MET B 137 -9.23 15.60 -6.45
N GLY B 138 -10.51 15.94 -6.35
CA GLY B 138 -10.98 17.19 -6.92
C GLY B 138 -11.20 17.05 -8.42
N LEU B 139 -11.52 15.83 -8.86
CA LEU B 139 -11.76 15.54 -10.27
C LEU B 139 -13.23 15.72 -10.61
N PRO B 140 -13.51 16.40 -11.75
CA PRO B 140 -14.90 16.62 -12.17
C PRO B 140 -15.58 15.29 -12.53
N VAL B 141 -16.67 14.99 -11.84
CA VAL B 141 -17.41 13.75 -12.09
C VAL B 141 -18.78 13.98 -12.72
N GLN B 142 -19.09 13.20 -13.74
CA GLN B 142 -20.37 13.27 -14.43
C GLN B 142 -20.94 11.87 -14.37
N THR B 143 -22.25 11.73 -14.53
CA THR B 143 -22.86 10.42 -14.47
C THR B 143 -23.66 10.04 -15.70
N TYR B 144 -23.47 8.82 -16.17
CA TYR B 144 -24.24 8.34 -17.31
C TYR B 144 -25.33 7.47 -16.73
N ARG B 145 -26.47 7.42 -17.42
CA ARG B 145 -27.60 6.61 -16.98
C ARG B 145 -27.23 5.15 -17.14
N TYR B 146 -27.64 4.33 -16.17
CA TYR B 146 -27.32 2.92 -16.22
C TYR B 146 -28.45 2.04 -15.70
N PHE B 147 -28.84 2.22 -14.45
CA PHE B 147 -29.90 1.38 -13.89
C PHE B 147 -31.32 1.82 -14.27
N ASP B 148 -32.02 0.91 -14.94
CA ASP B 148 -33.39 1.13 -15.38
C ASP B 148 -34.29 0.85 -14.17
N ALA B 149 -34.45 1.85 -13.33
CA ALA B 149 -35.24 1.78 -12.09
C ALA B 149 -36.46 0.87 -12.02
N GLU B 150 -37.38 0.97 -12.99
CA GLU B 150 -38.58 0.13 -12.97
C GLU B 150 -38.34 -1.32 -13.37
N THR B 151 -37.70 -1.53 -14.51
CA THR B 151 -37.44 -2.89 -14.99
C THR B 151 -36.30 -3.56 -14.22
N ARG B 152 -35.66 -2.81 -13.33
CA ARG B 152 -34.56 -3.33 -12.53
C ARG B 152 -33.38 -3.81 -13.39
N GLY B 153 -33.42 -3.51 -14.68
CA GLY B 153 -32.36 -3.92 -15.58
C GLY B 153 -31.46 -2.74 -15.96
N VAL B 154 -30.85 -2.81 -17.13
CA VAL B 154 -29.98 -1.72 -17.59
C VAL B 154 -30.74 -0.84 -18.58
N ASP B 155 -30.58 0.47 -18.46
CA ASP B 155 -31.20 1.42 -19.36
C ASP B 155 -30.13 1.76 -20.39
N PHE B 156 -29.96 0.87 -21.35
CA PHE B 156 -28.94 1.04 -22.37
C PHE B 156 -29.12 2.21 -23.34
N GLU B 157 -30.36 2.50 -23.72
CA GLU B 157 -30.63 3.60 -24.64
C GLU B 157 -30.23 4.92 -23.98
N GLY B 158 -30.52 5.03 -22.68
CA GLY B 158 -30.15 6.23 -21.94
C GLY B 158 -28.65 6.28 -21.72
N MET B 159 -28.04 5.13 -21.47
CA MET B 159 -26.60 5.04 -21.28
C MET B 159 -25.86 5.53 -22.53
N LYS B 160 -26.29 5.04 -23.70
CA LYS B 160 -25.69 5.40 -24.97
C LYS B 160 -25.78 6.91 -25.23
N ALA B 161 -26.95 7.48 -24.94
CA ALA B 161 -27.20 8.90 -25.14
C ALA B 161 -26.17 9.73 -24.40
N ASP B 162 -25.96 9.41 -23.11
CA ASP B 162 -25.03 10.12 -22.28
C ASP B 162 -23.57 9.93 -22.69
N LEU B 163 -23.16 8.68 -22.91
CA LEU B 163 -21.79 8.41 -23.30
C LEU B 163 -21.39 9.14 -24.59
N ALA B 164 -22.34 9.32 -25.48
CA ALA B 164 -22.09 10.00 -26.74
C ALA B 164 -21.66 11.46 -26.54
N ALA B 165 -22.04 12.03 -25.41
CA ALA B 165 -21.71 13.42 -25.08
C ALA B 165 -20.28 13.61 -24.57
N ALA B 166 -19.63 12.51 -24.21
CA ALA B 166 -18.26 12.54 -23.69
C ALA B 166 -17.23 12.93 -24.74
N LYS B 167 -16.45 13.97 -24.45
CA LYS B 167 -15.40 14.42 -25.37
C LYS B 167 -14.22 13.46 -25.22
N LYS B 168 -13.18 13.66 -26.02
CA LYS B 168 -12.00 12.80 -25.92
C LYS B 168 -11.17 13.33 -24.77
N GLY B 169 -10.40 12.46 -24.14
CA GLY B 169 -9.60 12.89 -23.01
C GLY B 169 -10.38 12.66 -21.74
N ASP B 170 -11.69 12.47 -21.87
CA ASP B 170 -12.56 12.17 -20.74
C ASP B 170 -12.38 10.69 -20.49
N MET B 171 -12.60 10.28 -19.26
CA MET B 171 -12.46 8.88 -18.87
C MET B 171 -13.81 8.31 -18.49
N VAL B 172 -14.14 7.14 -19.02
CA VAL B 172 -15.41 6.50 -18.72
C VAL B 172 -15.15 5.28 -17.85
N LEU B 173 -15.80 5.21 -16.70
CA LEU B 173 -15.61 4.08 -15.82
C LEU B 173 -16.71 3.04 -16.02
N LEU B 174 -16.28 1.84 -16.40
CA LEU B 174 -17.19 0.71 -16.64
C LEU B 174 -16.81 -0.39 -15.69
N HIS B 175 -17.81 -1.13 -15.23
CA HIS B 175 -17.58 -2.30 -14.38
C HIS B 175 -17.49 -3.40 -15.44
N GLY B 176 -16.42 -4.20 -15.41
CA GLY B 176 -16.25 -5.25 -16.39
C GLY B 176 -17.36 -6.30 -16.33
N CYS B 177 -17.77 -6.62 -15.11
CA CYS B 177 -18.82 -7.61 -14.90
C CYS B 177 -19.32 -7.43 -13.47
N CYS B 178 -20.40 -8.14 -13.14
CA CYS B 178 -20.99 -8.12 -11.82
C CYS B 178 -21.03 -6.70 -11.28
N HIS B 179 -21.86 -5.90 -11.91
CA HIS B 179 -22.02 -4.50 -11.58
C HIS B 179 -22.45 -4.31 -10.13
N ASN B 180 -21.64 -3.56 -9.40
CA ASN B 180 -21.90 -3.23 -7.99
C ASN B 180 -22.39 -1.78 -8.00
N PRO B 181 -23.54 -1.49 -7.34
CA PRO B 181 -24.46 -2.34 -6.56
C PRO B 181 -25.63 -3.08 -7.25
N THR B 182 -26.09 -2.59 -8.39
CA THR B 182 -27.24 -3.18 -9.08
C THR B 182 -27.25 -4.64 -9.45
N GLY B 183 -26.11 -5.15 -9.90
CA GLY B 183 -26.05 -6.54 -10.32
C GLY B 183 -26.46 -6.68 -11.78
N ALA B 184 -27.04 -5.61 -12.34
CA ALA B 184 -27.48 -5.59 -13.74
C ALA B 184 -26.26 -5.37 -14.63
N ASN B 185 -26.13 -6.16 -15.69
CA ASN B 185 -24.97 -6.05 -16.57
C ASN B 185 -25.25 -5.95 -18.06
N LEU B 186 -24.22 -5.57 -18.82
CA LEU B 186 -24.32 -5.42 -20.26
C LEU B 186 -24.06 -6.75 -20.96
N THR B 187 -24.71 -6.95 -22.10
CA THR B 187 -24.51 -8.16 -22.88
C THR B 187 -23.33 -7.86 -23.80
N LEU B 188 -22.73 -8.91 -24.36
CA LEU B 188 -21.59 -8.74 -25.24
C LEU B 188 -21.94 -7.81 -26.40
N ASP B 189 -23.18 -7.92 -26.86
CA ASP B 189 -23.65 -7.08 -27.97
C ASP B 189 -23.64 -5.64 -27.54
N GLN B 190 -24.08 -5.40 -26.30
CA GLN B 190 -24.09 -4.04 -25.74
C GLN B 190 -22.67 -3.49 -25.59
N TRP B 191 -21.72 -4.37 -25.29
CA TRP B 191 -20.32 -3.97 -25.16
C TRP B 191 -19.75 -3.49 -26.50
N ALA B 192 -20.07 -4.20 -27.57
CA ALA B 192 -19.60 -3.81 -28.90
C ALA B 192 -20.15 -2.44 -29.22
N GLU B 193 -21.42 -2.23 -28.86
CA GLU B 193 -22.11 -0.96 -29.06
C GLU B 193 -21.34 0.15 -28.32
N ILE B 194 -20.97 -0.12 -27.07
CA ILE B 194 -20.23 0.82 -26.23
C ILE B 194 -18.83 1.11 -26.79
N ALA B 195 -18.19 0.10 -27.34
CA ALA B 195 -16.86 0.26 -27.91
C ALA B 195 -16.93 1.20 -29.11
N SER B 196 -18.06 1.15 -29.81
CA SER B 196 -18.29 2.00 -30.99
C SER B 196 -18.33 3.46 -30.57
N ILE B 197 -19.09 3.75 -29.52
CA ILE B 197 -19.19 5.11 -29.01
C ILE B 197 -17.81 5.58 -28.53
N LEU B 198 -17.16 4.76 -27.71
CA LEU B 198 -15.84 5.07 -27.16
C LEU B 198 -14.80 5.46 -28.20
N GLU B 199 -14.67 4.68 -29.26
CA GLU B 199 -13.69 5.01 -30.28
C GLU B 199 -14.12 6.20 -31.13
N LYS B 200 -15.42 6.49 -31.13
CA LYS B 200 -15.92 7.61 -31.90
C LYS B 200 -15.78 8.91 -31.11
N THR B 201 -15.78 8.82 -29.78
CA THR B 201 -15.62 9.99 -28.93
C THR B 201 -14.18 10.17 -28.49
N GLY B 202 -13.42 9.08 -28.49
CA GLY B 202 -12.03 9.12 -28.08
C GLY B 202 -11.85 9.10 -26.58
N ALA B 203 -12.93 8.79 -25.88
CA ALA B 203 -12.92 8.70 -24.41
C ALA B 203 -12.11 7.48 -23.99
N LEU B 204 -11.30 7.65 -22.94
CA LEU B 204 -10.47 6.56 -22.41
C LEU B 204 -11.26 5.71 -21.43
N PRO B 205 -11.42 4.42 -21.72
CA PRO B 205 -12.18 3.59 -20.78
C PRO B 205 -11.35 3.03 -19.64
N LEU B 206 -11.90 3.16 -18.43
CA LEU B 206 -11.28 2.64 -17.22
C LEU B 206 -12.24 1.51 -16.81
N ILE B 207 -11.72 0.28 -16.85
CA ILE B 207 -12.50 -0.90 -16.51
C ILE B 207 -12.19 -1.28 -15.07
N ASP B 208 -13.23 -1.51 -14.30
CA ASP B 208 -13.08 -1.93 -12.91
C ASP B 208 -13.43 -3.40 -12.92
N LEU B 209 -12.42 -4.25 -12.79
CA LEU B 209 -12.59 -5.70 -12.78
C LEU B 209 -12.33 -6.29 -11.40
N ALA B 210 -13.37 -6.31 -10.57
CA ALA B 210 -13.27 -6.81 -9.20
C ALA B 210 -13.96 -8.14 -8.90
N TYR B 211 -14.80 -8.62 -9.82
CA TYR B 211 -15.52 -9.88 -9.61
C TYR B 211 -15.41 -10.89 -10.73
N GLN B 212 -14.28 -10.92 -11.43
CA GLN B 212 -14.09 -11.88 -12.51
C GLN B 212 -14.21 -13.29 -11.96
N GLY B 213 -15.26 -14.00 -12.39
CA GLY B 213 -15.48 -15.37 -11.96
C GLY B 213 -16.77 -15.59 -11.18
N PHE B 214 -17.41 -14.50 -10.76
CA PHE B 214 -18.64 -14.60 -9.98
C PHE B 214 -19.91 -14.41 -10.80
N GLY B 215 -19.75 -14.03 -12.05
CA GLY B 215 -20.91 -13.83 -12.91
C GLY B 215 -21.23 -15.10 -13.69
N ASP B 216 -20.58 -15.26 -14.84
CA ASP B 216 -20.79 -16.42 -15.72
C ASP B 216 -19.57 -17.31 -15.95
N GLY B 217 -18.46 -17.02 -15.28
CA GLY B 217 -17.27 -17.84 -15.49
C GLY B 217 -16.07 -16.95 -15.68
N LEU B 218 -14.89 -17.46 -15.36
CA LEU B 218 -13.65 -16.70 -15.48
C LEU B 218 -13.47 -16.05 -16.84
N GLU B 219 -13.46 -16.90 -17.87
CA GLU B 219 -13.29 -16.44 -19.24
C GLU B 219 -14.43 -15.57 -19.73
N GLU B 220 -15.66 -15.96 -19.40
CA GLU B 220 -16.85 -15.19 -19.83
C GLU B 220 -17.01 -13.85 -19.13
N ASP B 221 -16.56 -13.72 -17.89
CA ASP B 221 -16.69 -12.46 -17.18
C ASP B 221 -15.71 -11.40 -17.72
N ALA B 222 -14.73 -11.84 -18.51
CA ALA B 222 -13.74 -10.94 -19.09
C ALA B 222 -14.03 -10.67 -20.58
N ALA B 223 -15.09 -11.28 -21.12
CA ALA B 223 -15.44 -11.10 -22.53
C ALA B 223 -15.60 -9.64 -22.94
N GLY B 224 -16.28 -8.87 -22.10
CA GLY B 224 -16.51 -7.46 -22.40
C GLY B 224 -15.22 -6.67 -22.39
N THR B 225 -14.37 -6.95 -21.41
CA THR B 225 -13.09 -6.25 -21.26
C THR B 225 -12.19 -6.59 -22.45
N ARG B 226 -12.19 -7.84 -22.85
CA ARG B 226 -11.38 -8.29 -23.97
C ARG B 226 -11.86 -7.64 -25.27
N LEU B 227 -13.15 -7.36 -25.34
CA LEU B 227 -13.73 -6.71 -26.51
C LEU B 227 -13.27 -5.25 -26.61
N ILE B 228 -13.27 -4.53 -25.49
CA ILE B 228 -12.83 -3.13 -25.48
C ILE B 228 -11.35 -3.10 -25.85
N ALA B 229 -10.58 -4.01 -25.27
CA ALA B 229 -9.15 -4.11 -25.51
C ALA B 229 -8.80 -4.41 -26.96
N SER B 230 -9.64 -5.19 -27.63
CA SER B 230 -9.40 -5.54 -29.02
C SER B 230 -9.76 -4.40 -29.95
N ARG B 231 -10.57 -3.47 -29.45
CA ARG B 231 -11.01 -2.32 -30.26
C ARG B 231 -10.37 -0.96 -29.98
N ILE B 232 -10.40 -0.53 -28.73
CA ILE B 232 -9.87 0.76 -28.34
C ILE B 232 -8.36 0.71 -28.12
N PRO B 233 -7.61 1.53 -28.87
CA PRO B 233 -6.14 1.62 -28.81
C PRO B 233 -5.52 1.87 -27.43
N GLU B 234 -6.24 2.61 -26.58
CA GLU B 234 -5.74 2.91 -25.25
C GLU B 234 -6.83 2.61 -24.23
N VAL B 235 -6.49 1.82 -23.22
CA VAL B 235 -7.43 1.44 -22.17
C VAL B 235 -6.73 1.08 -20.85
N LEU B 236 -7.38 1.43 -19.74
CA LEU B 236 -6.86 1.15 -18.41
C LEU B 236 -7.78 0.14 -17.72
N ILE B 237 -7.20 -0.88 -17.09
CA ILE B 237 -7.98 -1.89 -16.38
C ILE B 237 -7.47 -2.04 -14.95
N ALA B 238 -8.36 -1.78 -13.98
CA ALA B 238 -8.02 -1.91 -12.57
C ALA B 238 -8.59 -3.25 -12.07
N ALA B 239 -7.71 -4.19 -11.74
CA ALA B 239 -8.14 -5.51 -11.29
C ALA B 239 -7.93 -5.79 -9.80
N SER B 240 -8.87 -6.54 -9.22
CA SER B 240 -8.85 -6.92 -7.83
C SER B 240 -8.85 -8.43 -7.65
N CYS B 241 -7.99 -8.92 -6.75
CA CYS B 241 -7.89 -10.34 -6.45
C CYS B 241 -8.49 -10.64 -5.08
N SER B 242 -9.05 -9.61 -4.45
CA SER B 242 -9.65 -9.77 -3.11
C SER B 242 -10.76 -10.83 -3.06
N LYS B 243 -11.66 -10.79 -4.03
CA LYS B 243 -12.79 -11.70 -4.05
C LYS B 243 -12.64 -13.02 -4.82
N ASN B 244 -12.05 -12.99 -6.01
CA ASN B 244 -11.92 -14.22 -6.80
C ASN B 244 -10.86 -15.20 -6.29
N PHE B 245 -9.97 -14.71 -5.42
CA PHE B 245 -8.94 -15.54 -4.80
C PHE B 245 -9.23 -15.60 -3.30
N GLY B 246 -10.23 -14.84 -2.86
CA GLY B 246 -10.63 -14.81 -1.47
C GLY B 246 -9.54 -14.37 -0.51
N ILE B 247 -8.74 -13.39 -0.92
CA ILE B 247 -7.64 -12.90 -0.11
C ILE B 247 -7.78 -11.40 0.18
N TYR B 248 -9.00 -11.01 0.50
CA TYR B 248 -9.38 -9.62 0.79
C TYR B 248 -8.38 -8.80 1.61
N ARG B 249 -8.00 -9.31 2.79
CA ARG B 249 -7.07 -8.60 3.68
C ARG B 249 -5.60 -8.52 3.25
N GLU B 250 -5.19 -9.33 2.27
CA GLU B 250 -3.80 -9.28 1.80
C GLU B 250 -3.52 -8.01 0.99
N ARG B 251 -4.56 -7.44 0.39
CA ARG B 251 -4.47 -6.24 -0.42
C ARG B 251 -3.64 -6.48 -1.69
N THR B 252 -4.26 -7.11 -2.69
CA THR B 252 -3.56 -7.40 -3.94
C THR B 252 -4.43 -7.25 -5.20
N GLY B 253 -3.88 -6.51 -6.16
CA GLY B 253 -4.53 -6.26 -7.42
C GLY B 253 -3.49 -5.61 -8.30
N CYS B 254 -3.91 -5.08 -9.45
CA CYS B 254 -2.96 -4.43 -10.33
C CYS B 254 -3.66 -3.59 -11.38
N LEU B 255 -2.92 -2.69 -11.99
CA LEU B 255 -3.47 -1.83 -13.02
C LEU B 255 -2.78 -2.19 -14.32
N LEU B 256 -3.56 -2.32 -15.39
CA LEU B 256 -3.03 -2.65 -16.69
C LEU B 256 -3.27 -1.46 -17.63
N ALA B 257 -2.21 -0.94 -18.23
CA ALA B 257 -2.33 0.19 -19.16
C ALA B 257 -2.05 -0.33 -20.56
N LEU B 258 -3.09 -0.33 -21.40
CA LEU B 258 -2.98 -0.77 -22.77
C LEU B 258 -2.63 0.45 -23.59
N CYS B 259 -1.47 0.42 -24.25
CA CYS B 259 -1.02 1.55 -25.07
C CYS B 259 -1.00 1.21 -26.57
N ALA B 260 -0.98 2.25 -27.39
CA ALA B 260 -0.98 2.09 -28.84
C ALA B 260 0.32 1.54 -29.38
N ASP B 261 1.41 1.77 -28.66
CA ASP B 261 2.71 1.27 -29.09
C ASP B 261 3.66 1.17 -27.91
N ALA B 262 4.79 0.51 -28.14
CA ALA B 262 5.81 0.30 -27.11
C ALA B 262 6.39 1.57 -26.52
N ALA B 263 6.55 2.61 -27.33
CA ALA B 263 7.10 3.89 -26.87
C ALA B 263 6.25 4.46 -25.74
N THR B 264 4.95 4.59 -25.99
CA THR B 264 4.03 5.11 -24.98
C THR B 264 4.03 4.15 -23.79
N ARG B 265 4.18 2.86 -24.08
CA ARG B 265 4.21 1.83 -23.06
C ARG B 265 5.34 2.07 -22.08
N GLU B 266 6.54 2.36 -22.60
CA GLU B 266 7.67 2.60 -21.73
C GLU B 266 7.41 3.84 -20.88
N LEU B 267 6.66 4.80 -21.42
CA LEU B 267 6.31 6.02 -20.69
C LEU B 267 5.38 5.71 -19.53
N ALA B 268 4.30 4.99 -19.84
CA ALA B 268 3.30 4.61 -18.84
C ALA B 268 3.90 3.76 -17.73
N GLN B 269 4.74 2.80 -18.11
CA GLN B 269 5.39 1.91 -17.14
C GLN B 269 6.29 2.69 -16.20
N GLY B 270 7.00 3.67 -16.74
CA GLY B 270 7.88 4.50 -15.94
C GLY B 270 7.11 5.40 -14.98
N ALA B 271 5.96 5.89 -15.44
CA ALA B 271 5.11 6.76 -14.64
C ALA B 271 4.27 5.99 -13.64
N MET B 272 4.03 4.71 -13.91
CA MET B 272 3.26 3.85 -13.01
C MET B 272 4.12 3.47 -11.80
N ALA B 273 5.36 3.08 -12.05
CA ALA B 273 6.31 2.69 -11.00
C ALA B 273 6.62 3.88 -10.10
N PHE B 274 6.84 5.04 -10.73
CA PHE B 274 7.13 6.28 -10.03
C PHE B 274 5.93 6.60 -9.11
N LEU B 275 4.73 6.26 -9.56
CA LEU B 275 3.52 6.48 -8.79
C LEU B 275 3.53 5.64 -7.51
N ASN B 276 4.06 4.43 -7.58
CA ASN B 276 4.14 3.57 -6.41
C ASN B 276 5.18 4.11 -5.45
N ARG B 277 6.33 4.48 -6.01
CA ARG B 277 7.45 5.00 -5.22
C ARG B 277 7.10 6.23 -4.38
N GLN B 278 6.40 7.18 -4.98
CA GLN B 278 6.01 8.42 -4.30
C GLN B 278 4.84 8.23 -3.34
N THR B 279 4.24 7.04 -3.34
CA THR B 279 3.10 6.75 -2.49
C THR B 279 3.43 5.83 -1.31
N TYR B 280 4.13 4.72 -1.57
CA TYR B 280 4.49 3.77 -0.52
C TYR B 280 5.67 2.87 -0.86
N SER B 281 6.41 3.22 -1.90
CA SER B 281 7.56 2.41 -2.34
C SER B 281 7.04 1.14 -3.03
N PHE B 282 7.44 -0.03 -2.54
CA PHE B 282 7.03 -1.28 -3.15
C PHE B 282 5.65 -1.74 -2.72
N PRO B 283 4.95 -2.44 -3.62
CA PRO B 283 3.61 -2.91 -3.25
C PRO B 283 3.76 -4.16 -2.35
N PRO B 284 2.69 -4.55 -1.65
CA PRO B 284 2.81 -5.74 -0.80
C PRO B 284 3.06 -7.01 -1.63
N PHE B 285 3.89 -7.88 -1.11
CA PHE B 285 4.27 -9.12 -1.79
C PHE B 285 3.44 -10.40 -1.55
N HIS B 286 3.10 -10.69 -0.30
CA HIS B 286 2.37 -11.93 0.04
C HIS B 286 1.17 -12.32 -0.82
N GLY B 287 0.25 -11.38 -1.06
CA GLY B 287 -0.92 -11.69 -1.85
C GLY B 287 -0.59 -11.95 -3.31
N ALA B 288 0.20 -11.05 -3.89
CA ALA B 288 0.62 -11.15 -5.29
C ALA B 288 1.37 -12.46 -5.52
N LYS B 289 2.06 -12.91 -4.48
CA LYS B 289 2.80 -14.16 -4.55
C LYS B 289 1.86 -15.36 -4.50
N ILE B 290 0.77 -15.23 -3.74
CA ILE B 290 -0.21 -16.30 -3.64
C ILE B 290 -0.88 -16.47 -5.01
N VAL B 291 -1.23 -15.36 -5.63
CA VAL B 291 -1.87 -15.36 -6.94
C VAL B 291 -0.96 -15.95 -8.01
N SER B 292 0.29 -15.49 -8.02
CA SER B 292 1.30 -15.95 -8.96
C SER B 292 1.45 -17.46 -8.85
N THR B 293 1.61 -17.95 -7.62
CA THR B 293 1.77 -19.39 -7.39
C THR B 293 0.56 -20.21 -7.83
N VAL B 294 -0.64 -19.72 -7.55
CA VAL B 294 -1.84 -20.44 -7.95
C VAL B 294 -1.94 -20.52 -9.47
N LEU B 295 -1.88 -19.35 -10.11
CA LEU B 295 -1.99 -19.23 -11.56
C LEU B 295 -0.95 -19.93 -12.40
N THR B 296 0.27 -20.09 -11.87
CA THR B 296 1.31 -20.73 -12.66
C THR B 296 1.54 -22.21 -12.32
N THR B 297 0.74 -22.74 -11.41
CA THR B 297 0.87 -24.13 -11.01
C THR B 297 -0.39 -24.86 -11.42
N PRO B 298 -0.34 -25.56 -12.57
CA PRO B 298 -1.44 -26.33 -13.16
C PRO B 298 -2.37 -27.00 -12.14
N GLU B 299 -1.77 -27.70 -11.18
CA GLU B 299 -2.53 -28.40 -10.15
C GLU B 299 -3.37 -27.44 -9.30
N LEU B 300 -2.75 -26.33 -8.88
CA LEU B 300 -3.41 -25.33 -8.05
C LEU B 300 -4.45 -24.51 -8.80
N ARG B 301 -4.17 -24.15 -10.05
CA ARG B 301 -5.13 -23.36 -10.84
C ARG B 301 -6.38 -24.19 -11.05
N ALA B 302 -6.19 -25.49 -11.24
CA ALA B 302 -7.32 -26.41 -11.45
C ALA B 302 -8.24 -26.47 -10.23
N ASP B 303 -7.68 -26.66 -9.04
CA ASP B 303 -8.52 -26.70 -7.85
C ASP B 303 -9.18 -25.37 -7.58
N TRP B 304 -8.46 -24.28 -7.89
CA TRP B 304 -8.98 -22.93 -7.70
C TRP B 304 -10.18 -22.66 -8.61
N MET B 305 -10.02 -22.95 -9.90
CA MET B 305 -11.08 -22.74 -10.85
C MET B 305 -12.30 -23.53 -10.38
N ALA B 306 -12.08 -24.77 -9.95
CA ALA B 306 -13.18 -25.62 -9.49
C ALA B 306 -13.94 -25.05 -8.30
N GLU B 307 -13.19 -24.56 -7.31
CA GLU B 307 -13.79 -23.98 -6.10
C GLU B 307 -14.59 -22.72 -6.42
N LEU B 308 -14.04 -21.87 -7.26
CA LEU B 308 -14.70 -20.64 -7.66
C LEU B 308 -15.98 -20.99 -8.42
N GLU B 309 -15.91 -21.98 -9.32
CA GLU B 309 -17.06 -22.42 -10.10
C GLU B 309 -18.18 -22.89 -9.17
N ALA B 310 -17.80 -23.59 -8.10
CA ALA B 310 -18.75 -24.08 -7.10
C ALA B 310 -19.41 -22.86 -6.42
N VAL B 311 -18.60 -21.90 -5.98
CA VAL B 311 -19.08 -20.66 -5.34
C VAL B 311 -20.13 -20.00 -6.24
N ARG B 312 -19.73 -19.82 -7.49
CA ARG B 312 -20.52 -19.22 -8.57
C ARG B 312 -21.87 -19.91 -8.75
N SER B 313 -21.83 -21.22 -9.00
CA SER B 313 -23.04 -22.00 -9.21
C SER B 313 -23.99 -21.99 -8.01
N GLY B 314 -23.42 -22.10 -6.81
CA GLY B 314 -24.22 -22.07 -5.59
C GLY B 314 -24.99 -20.77 -5.47
N MET B 315 -24.31 -19.66 -5.72
CA MET B 315 -24.95 -18.35 -5.64
C MET B 315 -26.09 -18.27 -6.63
N LEU B 316 -25.88 -18.73 -7.86
CA LEU B 316 -26.93 -18.69 -8.88
C LEU B 316 -28.11 -19.50 -8.40
N ARG B 317 -27.80 -20.61 -7.74
CA ARG B 317 -28.81 -21.52 -7.21
C ARG B 317 -29.65 -20.78 -6.15
N LEU B 318 -28.99 -19.96 -5.34
CA LEU B 318 -29.68 -19.20 -4.30
C LEU B 318 -30.60 -18.14 -4.90
N ARG B 319 -30.08 -17.37 -5.86
CA ARG B 319 -30.86 -16.31 -6.52
C ARG B 319 -32.15 -16.92 -7.03
N GLU B 320 -32.03 -18.10 -7.62
CA GLU B 320 -33.16 -18.84 -8.16
C GLU B 320 -34.19 -19.15 -7.06
N GLN B 321 -33.71 -19.54 -5.89
CA GLN B 321 -34.58 -19.84 -4.76
C GLN B 321 -35.37 -18.61 -4.33
N LEU B 322 -34.66 -17.53 -3.99
CA LEU B 322 -35.30 -16.29 -3.58
C LEU B 322 -36.33 -15.87 -4.60
N ALA B 323 -35.98 -15.94 -5.87
CA ALA B 323 -36.93 -15.57 -6.91
C ALA B 323 -38.19 -16.44 -6.81
N GLY B 324 -38.00 -17.75 -6.67
CA GLY B 324 -39.13 -18.67 -6.56
C GLY B 324 -39.98 -18.47 -5.33
N GLU B 325 -39.31 -18.24 -4.20
CA GLU B 325 -39.97 -18.03 -2.91
C GLU B 325 -40.89 -16.84 -3.05
N LEU B 326 -40.32 -15.72 -3.47
CA LEU B 326 -41.08 -14.49 -3.65
C LEU B 326 -42.28 -14.66 -4.58
N ARG B 327 -42.05 -15.32 -5.71
CA ARG B 327 -43.12 -15.56 -6.68
C ARG B 327 -44.28 -16.29 -6.02
N ASP B 328 -43.99 -17.45 -5.46
CA ASP B 328 -45.00 -18.26 -4.79
C ASP B 328 -45.40 -17.63 -3.45
N LEU B 329 -44.86 -16.46 -3.15
CA LEU B 329 -45.17 -15.76 -1.91
C LEU B 329 -45.71 -14.36 -2.18
N SER B 330 -46.24 -14.15 -3.38
CA SER B 330 -46.81 -12.86 -3.74
C SER B 330 -47.80 -12.98 -4.89
N GLY B 331 -47.69 -14.08 -5.63
CA GLY B 331 -48.58 -14.31 -6.76
C GLY B 331 -48.27 -13.41 -7.94
N SER B 332 -47.05 -12.90 -8.00
CA SER B 332 -46.63 -12.02 -9.08
C SER B 332 -45.16 -12.28 -9.41
N ASP B 333 -44.64 -11.62 -10.44
CA ASP B 333 -43.25 -11.80 -10.84
C ASP B 333 -42.42 -10.52 -10.90
N ARG B 334 -42.80 -9.53 -10.08
CA ARG B 334 -42.07 -8.28 -10.05
C ARG B 334 -40.63 -8.54 -9.62
N PHE B 335 -40.44 -9.62 -8.87
CA PHE B 335 -39.13 -9.99 -8.36
C PHE B 335 -38.36 -11.00 -9.21
N GLY B 336 -38.70 -11.07 -10.50
CA GLY B 336 -37.99 -11.99 -11.38
C GLY B 336 -36.58 -11.50 -11.64
N PHE B 337 -36.37 -10.20 -11.45
CA PHE B 337 -35.07 -9.57 -11.67
C PHE B 337 -33.93 -10.24 -10.89
N VAL B 338 -34.27 -10.86 -9.77
CA VAL B 338 -33.26 -11.53 -8.94
C VAL B 338 -32.53 -12.65 -9.69
N ALA B 339 -33.26 -13.43 -10.48
CA ALA B 339 -32.65 -14.53 -11.22
C ALA B 339 -31.91 -14.05 -12.47
N GLU B 340 -32.20 -12.82 -12.89
CA GLU B 340 -31.58 -12.24 -14.07
C GLU B 340 -30.27 -11.52 -13.80
N HIS B 341 -30.12 -10.98 -12.59
CA HIS B 341 -28.91 -10.27 -12.23
C HIS B 341 -27.71 -11.20 -12.10
N ARG B 342 -26.52 -10.66 -12.32
CA ARG B 342 -25.29 -11.42 -12.27
C ARG B 342 -24.32 -10.80 -11.26
N GLY B 343 -23.65 -11.64 -10.49
CA GLY B 343 -22.70 -11.14 -9.50
C GLY B 343 -23.10 -11.45 -8.07
N MET B 344 -22.58 -10.66 -7.14
CA MET B 344 -22.89 -10.87 -5.74
C MET B 344 -24.05 -10.04 -5.21
N PHE B 345 -24.26 -8.87 -5.83
CA PHE B 345 -25.30 -7.95 -5.40
C PHE B 345 -26.51 -7.87 -6.31
N SER B 346 -27.51 -7.15 -5.84
CA SER B 346 -28.75 -6.95 -6.56
C SER B 346 -29.48 -5.83 -5.82
N ARG B 347 -30.15 -4.95 -6.57
CA ARG B 347 -30.90 -3.86 -5.93
C ARG B 347 -32.34 -4.32 -5.69
N LEU B 348 -32.70 -4.54 -4.43
CA LEU B 348 -34.04 -4.98 -4.10
C LEU B 348 -35.08 -3.94 -4.52
N GLY B 349 -34.62 -2.70 -4.67
CA GLY B 349 -35.49 -1.61 -5.07
C GLY B 349 -36.20 -0.96 -3.89
N ALA B 350 -36.17 -1.62 -2.74
CA ALA B 350 -36.81 -1.13 -1.51
C ALA B 350 -36.44 0.31 -1.16
N THR B 351 -37.46 1.07 -0.79
CA THR B 351 -37.31 2.48 -0.40
C THR B 351 -36.68 2.56 1.00
N PRO B 352 -35.87 3.60 1.27
CA PRO B 352 -35.19 3.81 2.55
C PRO B 352 -36.01 3.54 3.81
N GLU B 353 -37.30 3.87 3.79
CA GLU B 353 -38.16 3.66 4.95
C GLU B 353 -38.28 2.18 5.30
N GLN B 354 -38.65 1.36 4.33
CA GLN B 354 -38.78 -0.07 4.55
C GLN B 354 -37.41 -0.61 4.92
N VAL B 355 -36.41 -0.21 4.13
CA VAL B 355 -35.03 -0.63 4.33
C VAL B 355 -34.62 -0.53 5.80
N LYS B 356 -34.84 0.62 6.40
CA LYS B 356 -34.49 0.84 7.81
C LYS B 356 -35.28 -0.06 8.76
N ARG B 357 -36.59 -0.15 8.53
CA ARG B 357 -37.46 -0.96 9.37
C ARG B 357 -36.95 -2.39 9.53
N ILE B 358 -36.60 -3.02 8.42
CA ILE B 358 -36.14 -4.40 8.43
C ILE B 358 -34.90 -4.61 9.30
N LYS B 359 -34.01 -3.61 9.36
CA LYS B 359 -32.80 -3.73 10.16
C LYS B 359 -33.10 -3.69 11.66
N GLU B 360 -34.11 -2.92 12.04
CA GLU B 360 -34.46 -2.78 13.45
C GLU B 360 -35.21 -3.99 14.03
N GLU B 361 -36.47 -4.14 13.62
CA GLU B 361 -37.31 -5.23 14.12
C GLU B 361 -36.94 -6.61 13.58
N PHE B 362 -36.75 -6.71 12.27
CA PHE B 362 -36.40 -7.99 11.63
C PHE B 362 -34.95 -8.36 11.93
N GLY B 363 -34.07 -7.36 11.87
CA GLY B 363 -32.67 -7.61 12.15
C GLY B 363 -31.80 -7.95 10.96
N ILE B 364 -32.25 -7.64 9.75
CA ILE B 364 -31.44 -7.92 8.57
C ILE B 364 -30.67 -6.67 8.16
N TYR B 365 -29.39 -6.85 7.83
CA TYR B 365 -28.55 -5.73 7.43
C TYR B 365 -28.24 -5.70 5.95
N MET B 366 -28.80 -4.71 5.26
CA MET B 366 -28.56 -4.54 3.84
C MET B 366 -28.26 -3.06 3.64
N VAL B 367 -27.48 -2.75 2.61
CA VAL B 367 -27.11 -1.36 2.34
C VAL B 367 -28.35 -0.48 2.16
N GLY B 368 -28.25 0.76 2.62
CA GLY B 368 -29.34 1.73 2.53
C GLY B 368 -30.08 1.85 1.20
N ASP B 369 -29.44 1.42 0.12
CA ASP B 369 -30.07 1.50 -1.20
C ASP B 369 -30.67 0.15 -1.59
N SER B 370 -30.93 -0.68 -0.58
CA SER B 370 -31.50 -2.02 -0.74
C SER B 370 -30.59 -3.00 -1.49
N ARG B 371 -29.28 -2.81 -1.37
CA ARG B 371 -28.32 -3.70 -2.01
C ARG B 371 -28.15 -4.91 -1.10
N ILE B 372 -28.39 -6.10 -1.66
CA ILE B 372 -28.29 -7.33 -0.90
C ILE B 372 -27.19 -8.24 -1.44
N ASN B 373 -26.35 -8.71 -0.53
CA ASN B 373 -25.28 -9.62 -0.88
C ASN B 373 -25.96 -10.98 -0.82
N ILE B 374 -26.36 -11.52 -1.98
CA ILE B 374 -27.07 -12.79 -2.02
C ILE B 374 -26.34 -13.95 -1.36
N ALA B 375 -25.02 -13.89 -1.27
CA ALA B 375 -24.27 -14.97 -0.65
C ALA B 375 -24.58 -15.09 0.83
N GLY B 376 -25.17 -14.03 1.41
CA GLY B 376 -25.53 -14.05 2.82
C GLY B 376 -26.86 -14.73 3.09
N LEU B 377 -27.50 -15.22 2.03
CA LEU B 377 -28.78 -15.90 2.16
C LEU B 377 -28.59 -17.39 2.02
N ASN B 378 -29.60 -18.15 2.45
CA ASN B 378 -29.58 -19.60 2.35
C ASN B 378 -30.98 -20.12 2.58
N ASP B 379 -31.14 -21.44 2.49
CA ASP B 379 -32.43 -22.10 2.68
C ASP B 379 -33.13 -21.64 3.96
N ASN B 380 -32.32 -21.35 4.98
CA ASN B 380 -32.80 -20.92 6.29
C ASN B 380 -33.32 -19.50 6.30
N THR B 381 -32.52 -18.57 5.77
CA THR B 381 -32.86 -17.16 5.76
C THR B 381 -33.68 -16.64 4.58
N ILE B 382 -33.63 -17.34 3.45
CA ILE B 382 -34.37 -16.91 2.29
C ILE B 382 -35.86 -16.68 2.53
N PRO B 383 -36.56 -17.66 3.13
CA PRO B 383 -38.00 -17.51 3.39
C PRO B 383 -38.29 -16.33 4.31
N ILE B 384 -37.50 -16.20 5.37
CA ILE B 384 -37.66 -15.12 6.34
C ILE B 384 -37.48 -13.78 5.64
N LEU B 385 -36.53 -13.72 4.70
CA LEU B 385 -36.25 -12.52 3.93
C LEU B 385 -37.48 -12.17 3.07
N ALA B 386 -38.00 -13.19 2.38
CA ALA B 386 -39.17 -13.01 1.53
C ALA B 386 -40.32 -12.47 2.35
N ARG B 387 -40.60 -13.11 3.48
CA ARG B 387 -41.67 -12.67 4.36
C ARG B 387 -41.33 -11.27 4.88
N ALA B 388 -40.05 -11.03 5.15
CA ALA B 388 -39.58 -9.75 5.65
C ALA B 388 -39.94 -8.59 4.73
N ILE B 389 -39.62 -8.71 3.45
CA ILE B 389 -39.93 -7.64 2.51
C ILE B 389 -41.43 -7.45 2.34
N ILE B 390 -42.19 -8.53 2.53
CA ILE B 390 -43.65 -8.46 2.43
C ILE B 390 -44.18 -7.72 3.65
N GLU B 391 -43.70 -8.15 4.82
CA GLU B 391 -44.07 -7.57 6.11
C GLU B 391 -43.72 -6.08 6.17
N VAL B 392 -42.58 -5.74 5.58
CA VAL B 392 -42.13 -4.36 5.57
C VAL B 392 -42.79 -3.62 4.41
N GLY B 393 -43.43 -4.38 3.52
CA GLY B 393 -44.13 -3.81 2.38
C GLY B 393 -43.31 -2.88 1.52
N VAL B 394 -44.00 -1.97 0.83
CA VAL B 394 -43.36 -1.00 -0.04
C VAL B 394 -44.22 0.26 -0.15
N1 PLP C . 13.09 6.33 5.98
C2 PLP C . 14.37 5.92 5.91
C2A PLP C . 15.47 6.91 6.14
C3 PLP C . 14.65 4.60 5.68
O3 PLP C . 16.02 4.19 5.61
C4 PLP C . 13.57 3.69 5.52
C4A PLP C . 13.81 2.36 5.28
C5 PLP C . 12.26 4.17 5.60
C6 PLP C . 12.04 5.48 5.83
C5A PLP C . 11.02 3.23 5.49
O4P PLP C . 10.97 2.42 4.32
P PLP C . 9.89 1.28 4.09
O1P PLP C . 9.61 0.61 5.36
O2P PLP C . 10.75 0.28 3.22
O3P PLP C . 8.76 1.85 3.31
N1 PLP D . -14.38 -2.12 -6.98
C2 PLP D . -15.52 -2.78 -6.59
C2A PLP D . -16.85 -2.43 -7.24
C3 PLP D . -15.46 -3.79 -5.67
O3 PLP D . -16.63 -4.38 -5.27
C4 PLP D . -14.23 -4.13 -5.11
C4A PLP D . -14.13 -5.19 -4.24
C5 PLP D . -13.07 -3.42 -5.53
C6 PLP D . -13.18 -2.43 -6.46
C5A PLP D . -11.70 -3.72 -5.00
O4P PLP D . -11.61 -4.03 -3.63
P PLP D . -10.19 -4.29 -3.05
O1P PLP D . -9.51 -5.22 -3.95
O2P PLP D . -10.41 -5.16 -1.71
O3P PLP D . -9.58 -2.96 -2.83
N1 3IB E . -13.04 -2.05 -0.32
C2 3IB E . -13.74 -3.24 -0.24
C3 3IB E . -15.00 -3.01 0.25
C4 3IB E . -16.10 -0.77 0.99
C5 3IB E . -15.84 0.58 1.09
C6 3IB E . -14.60 1.12 0.71
C7 3IB E . -13.60 0.33 0.22
C8 3IB E . -13.85 -1.04 0.12
C9 3IB E . -15.09 -1.61 0.50
C10 3IB E . -16.07 -4.04 0.49
C11 3IB E . -16.46 -4.83 -0.76
C12 3IB E . -17.18 -3.97 -1.79
C13 3IB E . -18.59 -3.59 -1.37
O1 3IB E . -19.19 -2.68 -1.99
O2 3IB E . -19.13 -4.19 -0.41
#